data_6Q1I
#
_entry.id   6Q1I
#
_cell.length_a   45.350
_cell.length_b   53.480
_cell.length_c   68.060
_cell.angle_alpha   104.048
_cell.angle_beta   96.886
_cell.angle_gamma   87.065
#
_symmetry.space_group_name_H-M   'P 1'
#
loop_
_entity.id
_entity.type
_entity.pdbx_description
1 polymer 'Endoglucanase A'
2 water water
#
_entity_poly.entity_id   1
_entity_poly.type   'polypeptide(L)'
_entity_poly.pdbx_seq_one_letter_code
;SNPLEVQAASMRSASEIVQEMGVGWNLGNTLDAKITNLSYNTSPISFETGWGNPVTTKAMIDKIKNAGFKTIRIPTTWGE
HLDGNNKLNEEWVKRVKEVVDYCIADDLYVILNTHHEGNWVIPTYAKESSVTPKLKTLWTQISEAFKDYDDHLIFETLNQ
PRLEGTPYEWTGGTSESRDVVNKYNAAALESIRKTGGNNLSRAVMMPTYAASGSSTTMNDFKVPDDKNVIASVHAYSPYF
FAMDTSSNSVNTWGSSYDKYSLDVELDSYLNTFKSKGVPVVIGQFGSINKNNTSSRAELAEYYVTAAQKRGIPCVWWDNN
YAETNKGETFGLLNRSTLNWYFSDIKDALIRGYKNVH
;
_entity_poly.pdbx_strand_id   A,B
#
# COMPACT_ATOMS: atom_id res chain seq x y z
N SER A 10 19.86 -0.30 -39.51
CA SER A 10 20.77 0.44 -38.65
C SER A 10 20.03 1.18 -37.55
N MET A 11 20.72 1.47 -36.46
CA MET A 11 20.14 2.17 -35.33
C MET A 11 20.79 3.55 -35.23
N ARG A 12 19.97 4.58 -35.11
CA ARG A 12 20.48 5.93 -34.87
C ARG A 12 21.19 5.99 -33.54
N SER A 13 22.14 6.91 -33.42
CA SER A 13 22.75 7.16 -32.13
C SER A 13 21.74 7.71 -31.14
N ALA A 14 22.02 7.51 -29.86
CA ALA A 14 21.12 8.02 -28.84
C ALA A 14 20.95 9.52 -28.98
N SER A 15 22.04 10.23 -29.31
CA SER A 15 21.96 11.68 -29.44
CA SER A 15 21.94 11.68 -29.43
C SER A 15 21.01 12.08 -30.57
N GLU A 16 21.04 11.34 -31.68
CA GLU A 16 20.14 11.68 -32.77
CA GLU A 16 20.14 11.64 -32.80
C GLU A 16 18.69 11.38 -32.40
N ILE A 17 18.43 10.27 -31.73
CA ILE A 17 17.06 9.91 -31.37
C ILE A 17 16.45 10.96 -30.46
N VAL A 18 17.21 11.40 -29.46
CA VAL A 18 16.66 12.36 -28.50
C VAL A 18 16.23 13.65 -29.20
N GLN A 19 16.90 14.03 -30.29
CA GLN A 19 16.54 15.25 -31.00
C GLN A 19 15.11 15.19 -31.54
N GLU A 20 14.56 14.00 -31.75
CA GLU A 20 13.29 13.82 -32.43
C GLU A 20 12.14 13.44 -31.52
N MET A 21 12.39 13.19 -30.23
CA MET A 21 11.36 12.58 -29.37
C MET A 21 10.25 13.54 -28.95
N GLY A 22 10.46 14.85 -29.04
CA GLY A 22 9.37 15.79 -28.86
C GLY A 22 8.82 15.76 -27.46
N VAL A 23 7.52 16.07 -27.37
CA VAL A 23 6.77 15.92 -26.12
C VAL A 23 6.11 14.56 -26.11
N GLY A 24 6.10 13.92 -24.94
CA GLY A 24 5.65 12.55 -24.82
C GLY A 24 4.58 12.38 -23.75
N TRP A 25 4.11 11.14 -23.64
CA TRP A 25 2.99 10.78 -22.79
C TRP A 25 3.25 9.42 -22.18
N ASN A 26 3.05 9.30 -20.85
CA ASN A 26 3.19 8.04 -20.13
C ASN A 26 1.83 7.35 -20.01
N LEU A 27 1.81 6.05 -20.31
CA LEU A 27 0.66 5.18 -20.01
C LEU A 27 0.73 4.77 -18.53
N GLY A 28 0.40 5.72 -17.65
CA GLY A 28 0.66 5.52 -16.24
C GLY A 28 -0.39 4.67 -15.52
N ASN A 29 0.04 4.06 -14.40
CA ASN A 29 -0.85 3.25 -13.55
C ASN A 29 -1.54 2.14 -14.35
N THR A 30 -0.79 1.50 -15.25
CA THR A 30 -1.29 0.50 -16.19
C THR A 30 -0.42 -0.74 -16.12
N LEU A 31 0.52 -0.95 -17.07
CA LEU A 31 1.40 -2.11 -16.97
C LEU A 31 2.41 -1.97 -15.84
N ASP A 32 2.46 -0.79 -15.22
CA ASP A 32 3.27 -0.51 -14.05
C ASP A 32 2.54 -0.72 -12.74
N ALA A 33 1.21 -0.84 -12.77
CA ALA A 33 0.46 -1.04 -11.53
C ALA A 33 1.02 -2.24 -10.79
N LYS A 34 1.41 -2.03 -9.53
CA LYS A 34 2.11 -3.05 -8.76
C LYS A 34 1.08 -3.80 -7.93
N ILE A 35 0.70 -4.96 -8.41
CA ILE A 35 -0.38 -5.75 -7.81
C ILE A 35 0.27 -6.99 -7.22
N THR A 36 0.31 -7.05 -5.89
CA THR A 36 1.08 -8.06 -5.20
C THR A 36 0.21 -9.13 -4.52
N ASN A 37 -1.08 -9.16 -4.84
N ASN A 37 -1.09 -9.17 -4.82
CA ASN A 37 -2.02 -10.12 -4.25
CA ASN A 37 -1.99 -10.16 -4.24
C ASN A 37 -2.47 -11.16 -5.27
C ASN A 37 -2.48 -11.17 -5.27
N LEU A 38 -1.81 -11.26 -6.42
CA LEU A 38 -2.20 -12.15 -7.48
C LEU A 38 -1.25 -13.36 -7.51
N SER A 39 -0.73 -13.77 -8.65
CA SER A 39 0.30 -14.80 -8.77
C SER A 39 0.99 -14.55 -10.11
N TYR A 40 2.17 -15.14 -10.29
CA TYR A 40 2.92 -14.87 -11.52
C TYR A 40 2.25 -15.44 -12.76
N ASN A 41 1.29 -16.35 -12.60
CA ASN A 41 0.58 -16.96 -13.72
CA ASN A 41 0.59 -16.95 -13.74
C ASN A 41 -0.79 -16.35 -13.95
N THR A 42 -1.17 -15.35 -13.16
CA THR A 42 -2.46 -14.71 -13.32
C THR A 42 -2.47 -13.90 -14.62
N SER A 43 -3.66 -13.78 -15.22
CA SER A 43 -3.83 -13.04 -16.47
C SER A 43 -3.20 -11.66 -16.39
N PRO A 44 -2.57 -11.20 -17.48
CA PRO A 44 -2.02 -9.83 -17.48
C PRO A 44 -3.06 -8.77 -17.19
N ILE A 45 -4.32 -9.02 -17.55
CA ILE A 45 -5.33 -7.97 -17.45
C ILE A 45 -5.64 -7.68 -15.99
N SER A 46 -5.49 -8.67 -15.11
CA SER A 46 -5.69 -8.44 -13.69
C SER A 46 -4.71 -7.42 -13.13
N PHE A 47 -3.49 -7.38 -13.69
CA PHE A 47 -2.50 -6.39 -13.29
C PHE A 47 -2.77 -5.05 -13.97
N GLU A 48 -2.95 -5.07 -15.29
CA GLU A 48 -3.14 -3.86 -16.07
C GLU A 48 -4.28 -3.01 -15.54
N THR A 49 -5.38 -3.65 -15.11
CA THR A 49 -6.55 -2.96 -14.58
C THR A 49 -6.57 -2.88 -13.06
N GLY A 50 -5.50 -3.32 -12.39
CA GLY A 50 -5.52 -3.48 -10.94
C GLY A 50 -5.54 -2.18 -10.16
N TRP A 51 -5.16 -1.07 -10.78
CA TRP A 51 -5.23 0.25 -10.15
C TRP A 51 -6.36 1.09 -10.76
N GLY A 52 -7.37 0.44 -11.33
CA GLY A 52 -8.59 1.11 -11.72
C GLY A 52 -8.63 1.64 -13.13
N ASN A 53 -7.60 1.44 -13.91
CA ASN A 53 -7.68 1.90 -15.29
C ASN A 53 -8.25 0.81 -16.19
N PRO A 54 -8.92 1.22 -17.27
CA PRO A 54 -9.49 0.23 -18.19
C PRO A 54 -8.41 -0.39 -19.06
N VAL A 55 -8.72 -1.54 -19.64
CA VAL A 55 -7.74 -2.22 -20.49
C VAL A 55 -7.37 -1.32 -21.67
N THR A 56 -6.08 -1.25 -21.97
CA THR A 56 -5.59 -0.33 -22.98
C THR A 56 -6.00 -0.80 -24.37
N THR A 57 -6.43 0.15 -25.21
CA THR A 57 -6.79 -0.14 -26.60
C THR A 57 -5.92 0.68 -27.55
N LYS A 58 -5.85 0.23 -28.80
CA LYS A 58 -5.11 1.01 -29.77
C LYS A 58 -5.75 2.37 -29.99
N ALA A 59 -7.07 2.47 -29.86
CA ALA A 59 -7.74 3.75 -30.03
C ALA A 59 -7.23 4.78 -29.02
N MET A 60 -6.89 4.37 -27.80
CA MET A 60 -6.31 5.32 -26.85
C MET A 60 -4.96 5.82 -27.34
N ILE A 61 -4.12 4.91 -27.83
CA ILE A 61 -2.81 5.28 -28.36
C ILE A 61 -2.95 6.19 -29.56
N ASP A 62 -3.90 5.87 -30.46
CA ASP A 62 -4.15 6.70 -31.62
C ASP A 62 -4.48 8.13 -31.21
N LYS A 63 -5.29 8.30 -30.15
CA LYS A 63 -5.65 9.63 -29.70
C LYS A 63 -4.42 10.43 -29.29
N ILE A 64 -3.48 9.79 -28.58
CA ILE A 64 -2.25 10.44 -28.16
C ILE A 64 -1.41 10.83 -29.38
N LYS A 65 -1.21 9.89 -30.31
CA LYS A 65 -0.44 10.19 -31.52
C LYS A 65 -1.08 11.34 -32.31
N ASN A 66 -2.40 11.27 -32.49
CA ASN A 66 -3.06 12.28 -33.31
C ASN A 66 -3.09 13.65 -32.65
N ALA A 67 -2.91 13.73 -31.33
CA ALA A 67 -2.81 15.02 -30.67
C ALA A 67 -1.48 15.70 -30.92
N GLY A 68 -0.45 14.96 -31.31
CA GLY A 68 0.85 15.53 -31.61
C GLY A 68 1.97 15.10 -30.71
N PHE A 69 1.73 14.23 -29.72
CA PHE A 69 2.83 13.64 -28.96
C PHE A 69 3.65 12.74 -29.88
N LYS A 70 4.97 12.72 -29.70
CA LYS A 70 5.84 11.92 -30.54
C LYS A 70 6.42 10.70 -29.83
N THR A 71 6.29 10.63 -28.52
CA THR A 71 6.83 9.54 -27.70
C THR A 71 5.77 9.07 -26.72
N ILE A 72 5.69 7.76 -26.51
CA ILE A 72 4.94 7.19 -25.39
C ILE A 72 5.91 6.37 -24.54
N ARG A 73 5.89 6.62 -23.24
CA ARG A 73 6.58 5.77 -22.27
C ARG A 73 5.57 4.77 -21.73
N ILE A 74 5.96 3.49 -21.76
CA ILE A 74 5.15 2.39 -21.26
CA ILE A 74 5.16 2.38 -21.27
C ILE A 74 5.80 1.91 -19.97
N PRO A 75 5.51 2.53 -18.84
CA PRO A 75 6.09 2.06 -17.58
C PRO A 75 5.56 0.66 -17.29
N THR A 76 6.47 -0.26 -16.95
CA THR A 76 6.11 -1.67 -16.83
C THR A 76 6.77 -2.25 -15.59
N THR A 77 5.96 -2.84 -14.71
CA THR A 77 6.44 -3.50 -13.50
C THR A 77 6.48 -5.00 -13.75
N TRP A 78 7.67 -5.60 -13.60
CA TRP A 78 7.92 -6.97 -14.06
C TRP A 78 8.03 -8.01 -12.96
N GLY A 79 8.43 -7.61 -11.75
CA GLY A 79 8.85 -8.59 -10.75
C GLY A 79 7.76 -9.60 -10.40
N GLU A 80 6.51 -9.16 -10.34
CA GLU A 80 5.38 -10.03 -10.01
C GLU A 80 5.11 -11.07 -11.08
N HIS A 81 5.78 -10.97 -12.23
CA HIS A 81 5.56 -11.85 -13.37
C HIS A 81 6.68 -12.86 -13.53
N LEU A 82 7.63 -12.89 -12.60
CA LEU A 82 8.71 -13.85 -12.59
C LEU A 82 8.35 -15.06 -11.74
N ASP A 83 8.64 -16.24 -12.25
CA ASP A 83 8.44 -17.47 -11.47
C ASP A 83 9.65 -17.68 -10.55
N GLY A 84 9.66 -18.82 -9.84
CA GLY A 84 10.71 -19.08 -8.88
C GLY A 84 12.08 -19.27 -9.49
N ASN A 85 12.16 -19.48 -10.80
CA ASN A 85 13.41 -19.55 -11.54
C ASN A 85 13.73 -18.23 -12.24
N ASN A 86 13.00 -17.16 -11.93
CA ASN A 86 13.18 -15.88 -12.59
C ASN A 86 12.89 -15.92 -14.08
N LYS A 87 11.98 -16.81 -14.51
CA LYS A 87 11.49 -16.80 -15.88
C LYS A 87 10.21 -15.97 -15.95
N LEU A 88 10.14 -15.07 -16.93
CA LEU A 88 8.95 -14.26 -17.11
C LEU A 88 7.79 -15.08 -17.65
N ASN A 89 6.61 -14.81 -17.14
CA ASN A 89 5.40 -15.39 -17.69
C ASN A 89 5.21 -14.92 -19.13
N GLU A 90 4.91 -15.87 -20.02
CA GLU A 90 4.88 -15.58 -21.44
C GLU A 90 3.66 -14.76 -21.83
N GLU A 91 2.53 -14.98 -21.17
CA GLU A 91 1.36 -14.16 -21.46
C GLU A 91 1.59 -12.70 -21.09
N TRP A 92 2.33 -12.45 -19.99
CA TRP A 92 2.69 -11.08 -19.63
C TRP A 92 3.51 -10.43 -20.74
N VAL A 93 4.56 -11.11 -21.18
CA VAL A 93 5.40 -10.56 -22.25
C VAL A 93 4.56 -10.28 -23.49
N LYS A 94 3.65 -11.20 -23.83
CA LYS A 94 2.82 -11.02 -25.02
C LYS A 94 1.94 -9.77 -24.89
N ARG A 95 1.40 -9.51 -23.70
CA ARG A 95 0.55 -8.31 -23.53
C ARG A 95 1.37 -7.03 -23.61
N VAL A 96 2.53 -7.00 -22.94
CA VAL A 96 3.40 -5.83 -23.05
C VAL A 96 3.73 -5.58 -24.52
N LYS A 97 4.08 -6.64 -25.25
CA LYS A 97 4.42 -6.51 -26.66
C LYS A 97 3.27 -5.95 -27.47
N GLU A 98 2.03 -6.38 -27.19
CA GLU A 98 0.90 -5.86 -27.94
C GLU A 98 0.73 -4.36 -27.73
N VAL A 99 0.90 -3.89 -26.49
CA VAL A 99 0.78 -2.46 -26.21
C VAL A 99 1.93 -1.68 -26.86
N VAL A 100 3.15 -2.23 -26.79
CA VAL A 100 4.27 -1.63 -27.52
C VAL A 100 3.94 -1.55 -29.00
N ASP A 101 3.36 -2.61 -29.57
CA ASP A 101 3.03 -2.62 -30.99
C ASP A 101 1.99 -1.55 -31.36
N TYR A 102 1.00 -1.29 -30.49
CA TYR A 102 0.08 -0.19 -30.76
C TYR A 102 0.85 1.08 -31.04
N CYS A 103 1.86 1.35 -30.20
CA CYS A 103 2.60 2.60 -30.25
C CYS A 103 3.56 2.63 -31.43
N ILE A 104 4.32 1.54 -31.63
CA ILE A 104 5.28 1.49 -32.74
C ILE A 104 4.55 1.58 -34.06
N ALA A 105 3.41 0.89 -34.19
CA ALA A 105 2.59 0.98 -35.40
C ALA A 105 2.19 2.42 -35.70
N ASP A 106 1.96 3.21 -34.66
CA ASP A 106 1.55 4.61 -34.81
C ASP A 106 2.74 5.55 -35.01
N ASP A 107 3.93 5.02 -35.29
CA ASP A 107 5.11 5.83 -35.61
C ASP A 107 5.60 6.64 -34.41
N LEU A 108 5.36 6.15 -33.19
CA LEU A 108 5.84 6.80 -31.99
C LEU A 108 7.18 6.22 -31.57
N TYR A 109 8.00 7.06 -30.91
CA TYR A 109 9.07 6.54 -30.08
C TYR A 109 8.43 5.92 -28.83
N VAL A 110 8.99 4.81 -28.37
CA VAL A 110 8.48 4.09 -27.22
C VAL A 110 9.61 3.90 -26.23
N ILE A 111 9.39 4.27 -24.98
CA ILE A 111 10.31 3.97 -23.88
C ILE A 111 9.71 2.84 -23.07
N LEU A 112 10.39 1.71 -23.03
CA LEU A 112 9.98 0.55 -22.24
C LEU A 112 10.96 0.40 -21.09
N ASN A 113 10.47 0.43 -19.85
CA ASN A 113 11.34 0.42 -18.68
C ASN A 113 11.08 -0.82 -17.81
N THR A 114 11.79 -0.89 -16.69
CA THR A 114 11.28 -1.53 -15.48
C THR A 114 10.83 -0.40 -14.54
N HIS A 115 9.80 -0.67 -13.73
CA HIS A 115 9.12 0.42 -13.05
C HIS A 115 9.15 0.20 -11.53
N HIS A 116 8.06 -0.27 -10.92
CA HIS A 116 7.99 -0.38 -9.45
C HIS A 116 8.64 -1.67 -8.96
N GLU A 117 9.97 -1.69 -9.00
CA GLU A 117 10.74 -2.86 -8.60
C GLU A 117 11.44 -2.69 -7.26
N GLY A 118 11.18 -1.59 -6.54
CA GLY A 118 11.97 -1.21 -5.38
C GLY A 118 11.82 -2.09 -4.15
N ASN A 119 10.81 -2.97 -4.12
CA ASN A 119 10.76 -3.96 -3.04
C ASN A 119 11.89 -4.98 -3.15
N TRP A 120 12.45 -5.17 -4.34
CA TRP A 120 13.54 -6.11 -4.54
C TRP A 120 14.81 -5.48 -5.10
N VAL A 121 14.71 -4.43 -5.93
CA VAL A 121 15.89 -3.71 -6.41
C VAL A 121 16.26 -2.71 -5.31
N ILE A 122 17.07 -3.18 -4.36
CA ILE A 122 17.45 -2.41 -3.19
C ILE A 122 18.90 -2.00 -3.37
N PRO A 123 19.20 -0.69 -3.47
CA PRO A 123 20.58 -0.27 -3.82
C PRO A 123 21.49 -0.14 -2.60
N THR A 124 21.86 -1.28 -2.03
CA THR A 124 22.86 -1.35 -0.98
C THR A 124 23.88 -2.41 -1.33
N TYR A 125 25.09 -2.25 -0.77
CA TYR A 125 26.12 -3.27 -0.96
C TYR A 125 25.67 -4.62 -0.43
N ALA A 126 24.88 -4.63 0.65
CA ALA A 126 24.43 -5.89 1.24
C ALA A 126 23.46 -6.65 0.34
N LYS A 127 22.70 -5.93 -0.51
CA LYS A 127 21.72 -6.58 -1.37
C LYS A 127 22.22 -6.81 -2.78
N GLU A 128 23.38 -6.26 -3.14
CA GLU A 128 23.85 -6.32 -4.52
C GLU A 128 23.92 -7.75 -5.05
N SER A 129 24.39 -8.71 -4.23
CA SER A 129 24.58 -10.06 -4.74
C SER A 129 23.26 -10.77 -5.03
N SER A 130 22.18 -10.35 -4.39
CA SER A 130 20.88 -10.96 -4.66
C SER A 130 20.11 -10.23 -5.75
N VAL A 131 20.34 -8.93 -5.92
CA VAL A 131 19.63 -8.16 -6.92
C VAL A 131 20.24 -8.37 -8.30
N THR A 132 21.56 -8.32 -8.41
CA THR A 132 22.19 -8.19 -9.72
C THR A 132 21.89 -9.37 -10.64
N PRO A 133 22.04 -10.63 -10.22
CA PRO A 133 21.74 -11.72 -11.16
C PRO A 133 20.30 -11.71 -11.62
N LYS A 134 19.37 -11.38 -10.72
CA LYS A 134 17.95 -11.36 -11.07
C LYS A 134 17.65 -10.23 -12.03
N LEU A 135 18.21 -9.04 -11.80
CA LEU A 135 18.01 -7.91 -12.71
C LEU A 135 18.58 -8.23 -14.09
N LYS A 136 19.73 -8.90 -14.13
CA LYS A 136 20.35 -9.25 -15.40
C LYS A 136 19.51 -10.28 -16.17
N THR A 137 18.99 -11.30 -15.49
CA THR A 137 18.13 -12.27 -16.18
CA THR A 137 18.14 -12.26 -16.19
C THR A 137 16.84 -11.61 -16.66
N LEU A 138 16.28 -10.71 -15.87
CA LEU A 138 15.10 -9.97 -16.31
C LEU A 138 15.39 -9.19 -17.59
N TRP A 139 16.48 -8.40 -17.60
CA TRP A 139 16.79 -7.62 -18.79
C TRP A 139 17.18 -8.49 -19.98
N THR A 140 17.80 -9.64 -19.73
CA THR A 140 18.08 -10.56 -20.84
C THR A 140 16.77 -10.94 -21.53
N GLN A 141 15.74 -11.28 -20.74
CA GLN A 141 14.48 -11.73 -21.30
C GLN A 141 13.72 -10.61 -22.00
N ILE A 142 13.70 -9.41 -21.39
CA ILE A 142 13.03 -8.28 -22.06
C ILE A 142 13.73 -8.00 -23.38
N SER A 143 15.07 -7.94 -23.35
CA SER A 143 15.85 -7.62 -24.53
CA SER A 143 15.80 -7.59 -24.56
C SER A 143 15.63 -8.63 -25.64
N GLU A 144 15.62 -9.92 -25.29
N GLU A 144 15.62 -9.92 -25.28
CA GLU A 144 15.40 -10.98 -26.27
CA GLU A 144 15.40 -10.95 -26.29
C GLU A 144 14.03 -10.83 -26.92
C GLU A 144 14.02 -10.82 -26.92
N ALA A 145 13.01 -10.52 -26.11
CA ALA A 145 11.66 -10.42 -26.65
C ALA A 145 11.53 -9.28 -27.66
N PHE A 146 12.29 -8.20 -27.47
CA PHE A 146 12.18 -7.00 -28.28
C PHE A 146 13.40 -6.77 -29.18
N LYS A 147 14.23 -7.80 -29.35
CA LYS A 147 15.52 -7.63 -30.03
C LYS A 147 15.36 -7.09 -31.45
N ASP A 148 14.31 -7.50 -32.17
CA ASP A 148 14.20 -7.17 -33.58
C ASP A 148 13.50 -5.84 -33.84
N TYR A 149 13.08 -5.13 -32.80
CA TYR A 149 12.45 -3.83 -32.98
C TYR A 149 13.48 -2.80 -33.43
N ASP A 150 13.02 -1.85 -34.25
CA ASP A 150 13.86 -0.79 -34.77
C ASP A 150 14.13 0.26 -33.69
N ASP A 151 14.83 1.33 -34.08
CA ASP A 151 15.35 2.29 -33.11
C ASP A 151 14.29 3.23 -32.55
N HIS A 152 13.02 3.08 -32.93
CA HIS A 152 11.99 3.81 -32.21
C HIS A 152 11.73 3.23 -30.83
N LEU A 153 12.17 2.01 -30.56
CA LEU A 153 12.05 1.42 -29.24
C LEU A 153 13.32 1.67 -28.44
N ILE A 154 13.16 2.30 -27.28
CA ILE A 154 14.21 2.69 -26.36
C ILE A 154 13.98 1.93 -25.07
N PHE A 155 15.04 1.36 -24.49
CA PHE A 155 14.94 0.71 -23.20
C PHE A 155 15.35 1.68 -22.10
N GLU A 156 14.73 1.55 -20.92
CA GLU A 156 15.07 2.33 -19.73
C GLU A 156 15.29 1.35 -18.58
N THR A 157 16.52 1.31 -18.04
CA THR A 157 16.92 0.20 -17.17
C THR A 157 16.06 0.10 -15.91
N LEU A 158 15.87 1.23 -15.24
CA LEU A 158 15.22 1.33 -13.94
C LEU A 158 14.46 2.64 -13.92
N ASN A 159 13.53 2.76 -12.97
CA ASN A 159 12.64 3.92 -12.88
C ASN A 159 13.17 4.97 -11.90
N GLN A 160 12.88 4.80 -10.61
CA GLN A 160 13.31 5.72 -9.56
C GLN A 160 14.02 4.94 -8.47
N PRO A 161 15.12 4.27 -8.81
CA PRO A 161 15.75 3.37 -7.84
C PRO A 161 16.33 4.14 -6.65
N ARG A 162 15.98 3.69 -5.44
CA ARG A 162 16.26 4.48 -4.25
C ARG A 162 16.14 3.57 -3.03
N LEU A 163 16.54 4.12 -1.87
CA LEU A 163 16.46 3.41 -0.59
C LEU A 163 15.05 3.57 0.01
N GLU A 164 14.10 2.85 -0.57
CA GLU A 164 12.73 2.92 -0.10
C GLU A 164 12.63 2.50 1.36
N GLY A 165 11.81 3.22 2.11
CA GLY A 165 11.59 2.90 3.50
C GLY A 165 12.63 3.43 4.47
N THR A 166 13.64 4.16 3.99
CA THR A 166 14.67 4.74 4.84
C THR A 166 14.57 6.26 4.83
N PRO A 167 15.26 6.94 5.74
CA PRO A 167 15.26 8.41 5.72
C PRO A 167 15.83 8.99 4.45
N TYR A 168 16.64 8.23 3.71
CA TYR A 168 17.33 8.71 2.52
C TYR A 168 16.52 8.51 1.24
N GLU A 169 15.29 8.01 1.35
CA GLU A 169 14.51 7.68 0.16
C GLU A 169 14.36 8.87 -0.77
N TRP A 170 13.98 10.03 -0.24
CA TRP A 170 13.61 11.20 -1.03
C TRP A 170 14.59 12.36 -0.83
N THR A 171 15.76 12.12 -0.26
CA THR A 171 16.74 13.15 0.00
C THR A 171 17.99 13.01 -0.86
N GLY A 172 17.98 12.13 -1.85
CA GLY A 172 19.13 11.96 -2.72
C GLY A 172 20.06 10.83 -2.38
N GLY A 173 19.72 10.01 -1.38
CA GLY A 173 20.46 8.80 -1.11
C GLY A 173 21.75 9.03 -0.35
N THR A 174 22.66 8.09 -0.53
CA THR A 174 23.96 8.06 0.12
C THR A 174 25.02 7.73 -0.93
N SER A 175 26.29 7.92 -0.58
CA SER A 175 27.34 7.56 -1.54
CA SER A 175 27.34 7.56 -1.53
C SER A 175 27.22 6.09 -1.94
N GLU A 176 26.99 5.21 -0.96
CA GLU A 176 26.82 3.78 -1.23
C GLU A 176 25.67 3.53 -2.20
N SER A 177 24.50 4.10 -1.92
CA SER A 177 23.33 3.75 -2.73
C SER A 177 23.40 4.39 -4.12
N ARG A 178 23.98 5.59 -4.24
CA ARG A 178 24.20 6.15 -5.57
C ARG A 178 25.19 5.32 -6.39
N ASP A 179 26.23 4.80 -5.72
CA ASP A 179 27.15 3.88 -6.37
C ASP A 179 26.42 2.62 -6.85
N VAL A 180 25.59 2.02 -5.98
CA VAL A 180 24.92 0.79 -6.36
C VAL A 180 23.91 1.02 -7.49
N VAL A 181 23.23 2.16 -7.50
CA VAL A 181 22.34 2.45 -8.63
C VAL A 181 23.13 2.46 -9.93
N ASN A 182 24.30 3.10 -9.94
CA ASN A 182 25.14 3.09 -11.14
C ASN A 182 25.51 1.65 -11.53
N LYS A 183 25.82 0.81 -10.54
N LYS A 183 25.83 0.81 -10.54
CA LYS A 183 26.20 -0.57 -10.82
CA LYS A 183 26.20 -0.57 -10.83
C LYS A 183 25.03 -1.38 -11.37
C LYS A 183 25.01 -1.36 -11.40
N TYR A 184 23.81 -1.16 -10.84
CA TYR A 184 22.65 -1.85 -11.38
C TYR A 184 22.36 -1.40 -12.80
N ASN A 185 22.44 -0.09 -13.07
CA ASN A 185 22.26 0.41 -14.44
C ASN A 185 23.27 -0.23 -15.38
N ALA A 186 24.54 -0.31 -14.97
CA ALA A 186 25.58 -0.87 -15.83
C ALA A 186 25.34 -2.36 -16.07
N ALA A 187 24.86 -3.07 -15.04
CA ALA A 187 24.59 -4.49 -15.18
C ALA A 187 23.43 -4.73 -16.13
N ALA A 188 22.36 -3.93 -16.02
CA ALA A 188 21.25 -4.04 -16.94
C ALA A 188 21.70 -3.76 -18.38
N LEU A 189 22.50 -2.70 -18.56
CA LEU A 189 23.00 -2.37 -19.89
C LEU A 189 23.84 -3.51 -20.47
N GLU A 190 24.71 -4.11 -19.65
CA GLU A 190 25.55 -5.20 -20.14
C GLU A 190 24.68 -6.35 -20.63
N SER A 191 23.61 -6.67 -19.90
CA SER A 191 22.71 -7.73 -20.30
C SER A 191 21.98 -7.40 -21.59
N ILE A 192 21.56 -6.15 -21.77
CA ILE A 192 20.92 -5.74 -23.01
C ILE A 192 21.89 -5.93 -24.18
N ARG A 193 23.10 -5.41 -24.05
CA ARG A 193 24.06 -5.45 -25.14
C ARG A 193 24.46 -6.87 -25.49
N LYS A 194 24.55 -7.75 -24.49
CA LYS A 194 24.97 -9.13 -24.71
C LYS A 194 24.02 -9.90 -25.61
N THR A 195 22.74 -9.49 -25.70
CA THR A 195 21.80 -10.19 -26.56
C THR A 195 22.03 -9.92 -28.04
N GLY A 196 22.82 -8.91 -28.40
CA GLY A 196 23.25 -8.73 -29.77
C GLY A 196 22.20 -8.11 -30.69
N GLY A 197 22.48 -8.20 -31.99
CA GLY A 197 21.59 -7.64 -32.99
C GLY A 197 21.36 -6.17 -32.76
N ASN A 198 20.12 -5.73 -32.95
CA ASN A 198 19.78 -4.33 -32.76
C ASN A 198 20.06 -3.87 -31.33
N ASN A 199 20.08 -4.80 -30.38
CA ASN A 199 20.34 -4.42 -28.99
C ASN A 199 21.79 -4.05 -28.74
N LEU A 200 22.69 -4.28 -29.70
CA LEU A 200 24.05 -3.79 -29.56
C LEU A 200 24.10 -2.26 -29.55
N SER A 201 23.17 -1.61 -30.25
CA SER A 201 23.21 -0.17 -30.45
CA SER A 201 23.24 -0.16 -30.40
C SER A 201 21.95 0.56 -30.03
N ARG A 202 20.90 -0.15 -29.61
CA ARG A 202 19.67 0.50 -29.17
C ARG A 202 19.96 1.53 -28.09
N ALA A 203 19.30 2.67 -28.18
CA ALA A 203 19.42 3.67 -27.13
C ALA A 203 18.89 3.11 -25.82
N VAL A 204 19.63 3.37 -24.73
CA VAL A 204 19.27 2.91 -23.40
C VAL A 204 19.32 4.08 -22.44
N MET A 205 18.16 4.42 -21.88
CA MET A 205 18.04 5.38 -20.80
C MET A 205 18.34 4.71 -19.46
N MET A 206 18.94 5.47 -18.55
CA MET A 206 19.18 4.97 -17.20
C MET A 206 19.14 6.15 -16.24
N PRO A 207 18.55 5.96 -15.06
CA PRO A 207 18.30 7.10 -14.17
C PRO A 207 19.42 7.37 -13.17
N THR A 208 19.42 8.61 -12.69
CA THR A 208 20.06 8.94 -11.44
C THR A 208 19.33 8.24 -10.29
N TYR A 209 19.91 8.30 -9.09
CA TYR A 209 19.21 7.85 -7.89
C TYR A 209 17.87 8.58 -7.79
N ALA A 210 16.80 7.79 -7.63
CA ALA A 210 15.42 8.27 -7.53
C ALA A 210 14.96 9.02 -8.78
N ALA A 211 15.72 8.94 -9.87
CA ALA A 211 15.51 9.79 -11.04
C ALA A 211 15.51 11.27 -10.67
N SER A 212 16.21 11.62 -9.59
CA SER A 212 16.26 13.00 -9.16
C SER A 212 17.24 13.82 -10.01
N GLY A 213 16.83 15.02 -10.37
CA GLY A 213 17.71 15.97 -11.00
C GLY A 213 18.46 16.88 -10.06
N SER A 214 18.47 16.59 -8.76
CA SER A 214 19.27 17.37 -7.84
C SER A 214 20.74 17.31 -8.23
N SER A 215 21.48 18.31 -7.79
CA SER A 215 22.92 18.36 -8.07
CA SER A 215 22.91 18.35 -8.08
C SER A 215 23.61 17.10 -7.56
N THR A 216 23.27 16.65 -6.35
CA THR A 216 23.97 15.50 -5.78
C THR A 216 23.77 14.24 -6.61
N THR A 217 22.52 13.98 -7.02
CA THR A 217 22.24 12.75 -7.75
C THR A 217 22.72 12.85 -9.20
N MET A 218 22.55 14.00 -9.85
CA MET A 218 23.10 14.17 -11.19
C MET A 218 24.61 14.02 -11.17
N ASN A 219 25.28 14.69 -10.23
CA ASN A 219 26.74 14.70 -10.26
C ASN A 219 27.31 13.30 -10.13
N ASP A 220 26.65 12.43 -9.36
CA ASP A 220 27.15 11.07 -9.16
C ASP A 220 26.74 10.09 -10.25
N PHE A 221 25.97 10.54 -11.25
CA PHE A 221 25.60 9.68 -12.35
C PHE A 221 26.85 9.25 -13.12
N LYS A 222 27.00 7.95 -13.34
CA LYS A 222 28.14 7.41 -14.06
C LYS A 222 27.68 6.82 -15.38
N VAL A 223 28.32 7.25 -16.46
CA VAL A 223 28.04 6.73 -17.81
C VAL A 223 28.94 5.52 -18.03
N PRO A 224 28.38 4.33 -18.27
CA PRO A 224 29.22 3.18 -18.65
C PRO A 224 29.96 3.44 -19.96
N ASP A 225 30.92 2.57 -20.25
CA ASP A 225 31.66 2.64 -21.52
C ASP A 225 30.77 2.09 -22.62
N ASP A 226 29.95 2.98 -23.17
CA ASP A 226 28.92 2.64 -24.14
C ASP A 226 28.58 3.94 -24.87
N LYS A 227 28.35 3.86 -26.17
CA LYS A 227 28.16 5.05 -26.97
C LYS A 227 26.72 5.52 -27.10
N ASN A 228 25.74 4.76 -26.58
CA ASN A 228 24.32 5.05 -26.82
C ASN A 228 23.50 5.03 -25.52
N VAL A 229 23.99 5.74 -24.52
CA VAL A 229 23.32 5.92 -23.24
C VAL A 229 22.64 7.28 -23.21
N ILE A 230 21.48 7.33 -22.55
CA ILE A 230 20.74 8.56 -22.28
C ILE A 230 20.50 8.62 -20.77
N ALA A 231 20.71 9.79 -20.17
CA ALA A 231 20.35 9.97 -18.77
C ALA A 231 18.84 10.20 -18.64
N SER A 232 18.25 9.62 -17.59
CA SER A 232 16.83 9.78 -17.25
C SER A 232 16.70 10.54 -15.94
N VAL A 233 15.95 11.64 -15.96
CA VAL A 233 15.50 12.30 -14.74
C VAL A 233 14.00 12.52 -14.83
N HIS A 234 13.37 12.63 -13.65
CA HIS A 234 11.97 13.02 -13.52
C HIS A 234 11.96 14.36 -12.80
N ALA A 235 11.10 15.27 -13.29
CA ALA A 235 11.18 16.65 -12.80
C ALA A 235 9.75 17.24 -12.80
N TYR A 236 9.04 16.94 -11.72
CA TYR A 236 7.71 17.50 -11.47
C TYR A 236 7.93 18.88 -10.85
N SER A 237 8.24 19.84 -11.72
CA SER A 237 8.75 21.11 -11.27
CA SER A 237 8.78 21.12 -11.31
C SER A 237 7.84 22.26 -11.68
N PRO A 238 7.73 23.30 -10.84
CA PRO A 238 8.32 23.40 -9.49
C PRO A 238 7.46 22.59 -8.51
N TYR A 239 8.13 21.86 -7.61
CA TYR A 239 7.49 20.86 -6.76
C TYR A 239 6.26 21.37 -6.02
N PHE A 240 6.36 22.53 -5.38
CA PHE A 240 5.24 22.97 -4.54
C PHE A 240 3.99 23.27 -5.36
N PHE A 241 4.16 23.69 -6.61
CA PHE A 241 3.02 23.86 -7.51
C PHE A 241 2.58 22.54 -8.10
N ALA A 242 3.53 21.76 -8.62
CA ALA A 242 3.22 20.62 -9.47
C ALA A 242 2.71 19.41 -8.71
N MET A 243 3.20 19.17 -7.49
CA MET A 243 2.96 17.87 -6.85
C MET A 243 2.54 17.97 -5.38
N ASP A 244 2.97 19.00 -4.67
CA ASP A 244 2.78 19.04 -3.23
C ASP A 244 1.32 19.35 -2.88
N THR A 245 0.80 18.64 -1.87
CA THR A 245 -0.54 18.87 -1.33
C THR A 245 -0.51 19.29 0.14
N SER A 246 0.66 19.60 0.68
CA SER A 246 0.79 20.02 2.06
C SER A 246 0.38 21.49 2.20
N SER A 247 0.60 22.04 3.40
CA SER A 247 0.39 23.46 3.62
C SER A 247 1.32 24.32 2.79
N ASN A 248 2.38 23.73 2.23
CA ASN A 248 3.29 24.43 1.33
C ASN A 248 2.79 24.49 -0.11
N SER A 249 1.62 23.91 -0.37
CA SER A 249 1.11 23.83 -1.74
C SER A 249 0.92 25.22 -2.33
N VAL A 250 1.32 25.36 -3.59
CA VAL A 250 1.14 26.57 -4.41
C VAL A 250 0.22 26.20 -5.56
N ASN A 251 -0.67 27.12 -5.97
CA ASN A 251 -1.61 26.81 -7.04
C ASN A 251 -1.58 27.79 -8.20
N THR A 252 -0.59 28.70 -8.24
CA THR A 252 -0.42 29.60 -9.36
C THR A 252 1.01 29.48 -9.89
N TRP A 253 1.17 29.76 -11.19
CA TRP A 253 2.46 29.69 -11.84
C TRP A 253 2.47 30.66 -13.03
N GLY A 254 3.61 31.34 -13.22
CA GLY A 254 3.80 32.16 -14.40
C GLY A 254 4.57 33.45 -14.24
N SER A 255 5.15 33.72 -13.07
CA SER A 255 5.91 34.93 -12.86
C SER A 255 7.27 34.86 -13.57
N SER A 256 7.94 36.01 -13.64
CA SER A 256 9.30 36.05 -14.15
C SER A 256 10.21 35.14 -13.35
N TYR A 257 10.05 35.13 -12.02
CA TYR A 257 10.86 34.26 -11.16
C TYR A 257 10.57 32.79 -11.45
N ASP A 258 9.29 32.44 -11.63
CA ASP A 258 8.94 31.05 -11.96
C ASP A 258 9.63 30.62 -13.24
N LYS A 259 9.62 31.48 -14.26
CA LYS A 259 10.22 31.14 -15.54
C LYS A 259 11.73 31.03 -15.42
N TYR A 260 12.36 31.98 -14.73
CA TYR A 260 13.81 31.94 -14.54
C TYR A 260 14.22 30.66 -13.81
N SER A 261 13.49 30.32 -12.75
CA SER A 261 13.84 29.13 -11.98
C SER A 261 13.79 27.88 -12.83
N LEU A 262 12.75 27.76 -13.67
CA LEU A 262 12.66 26.57 -14.52
C LEU A 262 13.77 26.57 -15.56
N ASP A 263 14.09 27.74 -16.13
CA ASP A 263 15.17 27.82 -17.11
C ASP A 263 16.50 27.37 -16.51
N VAL A 264 16.82 27.83 -15.29
CA VAL A 264 18.07 27.44 -14.65
C VAL A 264 18.10 25.94 -14.38
N GLU A 265 16.96 25.39 -13.94
CA GLU A 265 16.89 23.95 -13.70
C GLU A 265 17.14 23.15 -14.98
N LEU A 266 16.47 23.53 -16.07
CA LEU A 266 16.65 22.81 -17.32
C LEU A 266 18.06 22.97 -17.87
N ASP A 267 18.65 24.17 -17.71
CA ASP A 267 20.05 24.35 -18.06
C ASP A 267 20.94 23.36 -17.30
N SER A 268 20.66 23.16 -16.00
CA SER A 268 21.49 22.25 -15.21
C SER A 268 21.41 20.82 -15.73
N TYR A 269 20.22 20.40 -16.20
CA TYR A 269 20.11 19.06 -16.79
C TYR A 269 20.89 18.97 -18.09
N LEU A 270 20.65 19.91 -19.01
CA LEU A 270 21.33 19.89 -20.29
C LEU A 270 22.84 19.88 -20.08
N ASN A 271 23.33 20.84 -19.30
CA ASN A 271 24.76 21.10 -19.26
C ASN A 271 25.48 20.06 -18.42
N THR A 272 24.87 19.58 -17.33
CA THR A 272 25.54 18.56 -16.54
C THR A 272 25.69 17.27 -17.34
N PHE A 273 24.61 16.81 -17.97
CA PHE A 273 24.71 15.56 -18.71
C PHE A 273 25.56 15.72 -19.96
N LYS A 274 25.52 16.87 -20.63
CA LYS A 274 26.42 17.11 -21.76
C LYS A 274 27.88 17.05 -21.32
N SER A 275 28.19 17.63 -20.15
CA SER A 275 29.56 17.59 -19.67
C SER A 275 30.02 16.17 -19.35
N LYS A 276 29.07 15.24 -19.17
CA LYS A 276 29.33 13.81 -19.03
C LYS A 276 29.22 13.04 -20.35
N GLY A 277 28.92 13.69 -21.45
CA GLY A 277 28.90 13.06 -22.75
C GLY A 277 27.60 12.40 -23.17
N VAL A 278 26.48 12.68 -22.50
CA VAL A 278 25.22 12.04 -22.84
C VAL A 278 24.07 13.03 -22.96
N PRO A 279 23.05 12.71 -23.76
CA PRO A 279 21.80 13.46 -23.72
C PRO A 279 20.99 13.10 -22.49
N VAL A 280 19.91 13.85 -22.27
CA VAL A 280 19.00 13.65 -21.15
C VAL A 280 17.57 13.69 -21.64
N VAL A 281 16.73 12.81 -21.07
CA VAL A 281 15.30 12.79 -21.29
C VAL A 281 14.62 12.97 -19.93
N ILE A 282 13.65 13.88 -19.88
CA ILE A 282 12.80 14.04 -18.70
C ILE A 282 11.64 13.07 -18.90
N GLY A 283 11.75 11.88 -18.30
CA GLY A 283 10.79 10.82 -18.57
C GLY A 283 9.48 10.93 -17.84
N GLN A 284 9.40 11.82 -16.85
CA GLN A 284 8.15 12.15 -16.16
C GLN A 284 8.18 13.62 -15.77
N PHE A 285 7.09 14.33 -16.05
CA PHE A 285 6.79 15.64 -15.49
C PHE A 285 5.27 15.79 -15.51
N GLY A 286 4.80 16.90 -14.97
CA GLY A 286 3.37 17.18 -14.95
C GLY A 286 3.01 17.99 -13.73
N SER A 287 1.70 18.28 -13.65
CA SER A 287 1.12 18.95 -12.49
C SER A 287 -0.21 18.30 -12.13
N ILE A 288 -0.55 18.35 -10.84
CA ILE A 288 -1.81 17.80 -10.36
C ILE A 288 -2.94 18.82 -10.42
N ASN A 289 -4.17 18.34 -10.29
CA ASN A 289 -5.36 19.16 -10.44
C ASN A 289 -5.70 19.88 -9.14
N LYS A 290 -5.33 21.15 -9.06
CA LYS A 290 -5.71 22.02 -7.96
C LYS A 290 -6.74 23.05 -8.40
N ASN A 291 -7.63 22.65 -9.32
CA ASN A 291 -8.66 23.55 -9.84
C ASN A 291 -8.02 24.84 -10.36
N ASN A 292 -6.91 24.66 -11.08
CA ASN A 292 -6.02 25.75 -11.46
C ASN A 292 -5.52 25.56 -12.88
N THR A 293 -6.44 25.27 -13.80
CA THR A 293 -6.08 24.88 -15.15
C THR A 293 -5.29 25.97 -15.88
N SER A 294 -5.62 27.24 -15.66
CA SER A 294 -4.90 28.30 -16.38
CA SER A 294 -4.91 28.31 -16.35
C SER A 294 -3.41 28.28 -16.03
N SER A 295 -3.08 28.14 -14.76
CA SER A 295 -1.67 28.09 -14.35
C SER A 295 -1.01 26.79 -14.83
N ARG A 296 -1.73 25.66 -14.75
CA ARG A 296 -1.16 24.41 -15.21
C ARG A 296 -0.85 24.47 -16.71
N ALA A 297 -1.72 25.11 -17.48
CA ALA A 297 -1.47 25.24 -18.91
C ALA A 297 -0.29 26.16 -19.20
N GLU A 298 -0.18 27.27 -18.47
CA GLU A 298 0.98 28.15 -18.63
CA GLU A 298 0.98 28.15 -18.63
C GLU A 298 2.27 27.39 -18.37
N LEU A 299 2.32 26.64 -17.27
CA LEU A 299 3.51 25.85 -16.96
C LEU A 299 3.78 24.81 -18.05
N ALA A 300 2.75 24.11 -18.49
CA ALA A 300 2.92 23.07 -19.51
C ALA A 300 3.57 23.64 -20.76
N GLU A 301 3.06 24.77 -21.26
CA GLU A 301 3.62 25.33 -22.48
C GLU A 301 5.05 25.79 -22.27
N TYR A 302 5.30 26.50 -21.17
CA TYR A 302 6.62 27.05 -20.95
C TYR A 302 7.64 25.93 -20.76
N TYR A 303 7.27 24.90 -20.00
CA TYR A 303 8.14 23.77 -19.74
C TYR A 303 8.54 23.08 -21.04
N VAL A 304 7.57 22.73 -21.88
CA VAL A 304 7.88 22.03 -23.13
C VAL A 304 8.73 22.92 -24.04
N THR A 305 8.39 24.20 -24.16
CA THR A 305 9.18 25.10 -25.00
C THR A 305 10.61 25.18 -24.51
N ALA A 306 10.79 25.37 -23.21
CA ALA A 306 12.13 25.52 -22.65
C ALA A 306 12.94 24.24 -22.78
N ALA A 307 12.31 23.10 -22.56
CA ALA A 307 13.02 21.84 -22.70
C ALA A 307 13.36 21.56 -24.15
N GLN A 308 12.42 21.77 -25.06
CA GLN A 308 12.67 21.48 -26.47
C GLN A 308 13.70 22.44 -27.07
N LYS A 309 13.73 23.70 -26.65
CA LYS A 309 14.77 24.59 -27.16
CA LYS A 309 14.77 24.63 -27.10
C LYS A 309 16.15 24.12 -26.73
N ARG A 310 16.24 23.33 -25.66
CA ARG A 310 17.48 22.75 -25.18
C ARG A 310 17.72 21.34 -25.69
N GLY A 311 16.83 20.81 -26.53
CA GLY A 311 16.97 19.46 -27.03
C GLY A 311 16.63 18.38 -26.03
N ILE A 312 15.79 18.69 -25.04
CA ILE A 312 15.41 17.76 -23.98
C ILE A 312 13.97 17.32 -24.22
N PRO A 313 13.73 16.05 -24.58
CA PRO A 313 12.35 15.53 -24.59
C PRO A 313 11.78 15.49 -23.18
N CYS A 314 10.45 15.72 -23.08
CA CYS A 314 9.77 15.65 -21.81
CA CYS A 314 9.71 15.74 -21.82
C CYS A 314 8.46 14.91 -21.98
N VAL A 315 8.18 14.03 -21.02
CA VAL A 315 7.12 13.02 -21.13
C VAL A 315 6.15 13.22 -19.96
N TRP A 316 4.92 13.62 -20.27
CA TRP A 316 3.92 13.87 -19.23
C TRP A 316 3.47 12.56 -18.59
N TRP A 317 3.34 12.56 -17.26
CA TRP A 317 2.82 11.40 -16.52
C TRP A 317 1.30 11.43 -16.52
N ASP A 318 0.66 10.51 -17.25
CA ASP A 318 -0.81 10.46 -17.34
C ASP A 318 -1.33 9.15 -16.74
N ASN A 319 -1.82 9.22 -15.51
CA ASN A 319 -2.36 8.06 -14.81
C ASN A 319 -3.88 7.95 -14.91
N ASN A 320 -4.52 8.76 -15.75
CA ASN A 320 -5.97 8.71 -15.96
C ASN A 320 -6.73 9.07 -14.69
N TYR A 321 -6.11 9.81 -13.77
CA TYR A 321 -6.73 10.18 -12.49
C TYR A 321 -6.75 11.70 -12.40
N ALA A 322 -7.95 12.29 -12.39
CA ALA A 322 -8.08 13.73 -12.52
C ALA A 322 -9.02 14.35 -11.49
N GLU A 323 -9.30 13.64 -10.41
CA GLU A 323 -10.27 14.11 -9.43
CA GLU A 323 -10.27 14.11 -9.42
C GLU A 323 -9.81 15.41 -8.78
N THR A 324 -10.70 16.38 -8.73
CA THR A 324 -10.34 17.68 -8.20
C THR A 324 -9.83 17.57 -6.77
N ASN A 325 -8.74 18.29 -6.49
CA ASN A 325 -8.19 18.49 -5.14
C ASN A 325 -7.72 17.21 -4.46
N LYS A 326 -7.39 16.18 -5.23
CA LYS A 326 -6.74 14.98 -4.70
C LYS A 326 -5.28 14.95 -5.14
N GLY A 327 -4.48 14.19 -4.40
CA GLY A 327 -3.07 14.06 -4.76
C GLY A 327 -2.88 13.19 -5.99
N GLU A 328 -1.78 13.43 -6.69
N GLU A 328 -1.79 13.43 -6.69
CA GLU A 328 -1.36 12.59 -7.82
CA GLU A 328 -1.36 12.59 -7.82
C GLU A 328 -2.37 12.59 -8.97
C GLU A 328 -2.37 12.59 -8.97
N THR A 329 -3.12 13.68 -9.12
CA THR A 329 -4.15 13.77 -10.15
C THR A 329 -3.59 14.39 -11.43
N PHE A 330 -2.79 13.59 -12.13
CA PHE A 330 -2.08 14.00 -13.33
C PHE A 330 -2.83 13.69 -14.62
N GLY A 331 -4.05 13.17 -14.53
CA GLY A 331 -4.73 12.67 -15.71
C GLY A 331 -5.04 13.77 -16.72
N LEU A 332 -4.83 13.47 -18.00
CA LEU A 332 -5.18 14.36 -19.09
C LEU A 332 -6.15 13.75 -20.09
N LEU A 333 -5.92 12.51 -20.51
CA LEU A 333 -6.83 11.80 -21.42
C LEU A 333 -7.78 10.93 -20.60
N ASN A 334 -9.08 11.14 -20.77
CA ASN A 334 -10.06 10.26 -20.16
C ASN A 334 -10.13 8.99 -21.01
N ARG A 335 -9.60 7.89 -20.49
CA ARG A 335 -9.45 6.69 -21.31
C ARG A 335 -10.79 6.00 -21.58
N SER A 336 -11.83 6.30 -20.79
CA SER A 336 -13.12 5.69 -21.03
C SER A 336 -13.92 6.41 -22.11
N THR A 337 -13.76 7.73 -22.24
CA THR A 337 -14.51 8.48 -23.23
C THR A 337 -13.67 8.91 -24.43
N LEU A 338 -12.34 8.90 -24.29
CA LEU A 338 -11.41 9.43 -25.28
C LEU A 338 -11.56 10.93 -25.48
N ASN A 339 -12.21 11.62 -24.54
CA ASN A 339 -12.13 13.06 -24.42
C ASN A 339 -11.04 13.43 -23.42
N TRP A 340 -10.62 14.69 -23.43
CA TRP A 340 -9.59 15.16 -22.51
C TRP A 340 -10.23 15.67 -21.23
N TYR A 341 -9.63 15.32 -20.10
CA TYR A 341 -10.03 15.94 -18.83
C TYR A 341 -9.75 17.44 -18.86
N PHE A 342 -8.63 17.85 -19.47
CA PHE A 342 -8.19 19.24 -19.55
C PHE A 342 -7.61 19.49 -20.96
N SER A 343 -8.48 19.77 -21.91
CA SER A 343 -8.01 20.04 -23.27
CA SER A 343 -8.04 20.06 -23.28
C SER A 343 -7.06 21.23 -23.30
N ASP A 344 -7.24 22.21 -22.40
CA ASP A 344 -6.34 23.37 -22.42
C ASP A 344 -4.91 22.99 -22.07
N ILE A 345 -4.73 21.99 -21.20
CA ILE A 345 -3.38 21.56 -20.84
C ILE A 345 -2.76 20.77 -21.98
N LYS A 346 -3.52 19.83 -22.56
CA LYS A 346 -3.05 19.13 -23.75
C LYS A 346 -2.66 20.13 -24.84
N ASP A 347 -3.51 21.12 -25.10
CA ASP A 347 -3.22 22.10 -26.14
C ASP A 347 -1.93 22.85 -25.83
N ALA A 348 -1.70 23.17 -24.55
CA ALA A 348 -0.50 23.90 -24.17
C ALA A 348 0.76 23.06 -24.38
N LEU A 349 0.70 21.76 -24.08
CA LEU A 349 1.84 20.88 -24.29
C LEU A 349 2.23 20.85 -25.76
N ILE A 350 1.25 20.67 -26.63
CA ILE A 350 1.53 20.56 -28.05
C ILE A 350 1.99 21.91 -28.60
N ARG A 351 1.37 23.00 -28.12
CA ARG A 351 1.79 24.34 -28.53
C ARG A 351 3.25 24.58 -28.14
N GLY A 352 3.66 24.13 -26.95
CA GLY A 352 5.06 24.31 -26.55
C GLY A 352 6.01 23.57 -27.47
N TYR A 353 5.63 22.37 -27.90
CA TYR A 353 6.44 21.63 -28.87
C TYR A 353 6.50 22.38 -30.21
N LYS A 354 5.35 22.84 -30.70
CA LYS A 354 5.30 23.55 -31.98
C LYS A 354 5.97 24.91 -31.94
N ASN A 355 6.13 25.50 -30.75
CA ASN A 355 6.89 26.74 -30.66
C ASN A 355 8.32 26.54 -31.15
N VAL A 356 8.84 25.33 -30.99
CA VAL A 356 10.23 25.02 -31.32
C VAL A 356 10.33 24.28 -32.64
N HIS A 357 9.40 23.36 -32.90
CA HIS A 357 9.45 22.53 -34.09
C HIS A 357 8.23 22.79 -34.95
N ALA B 9 -0.58 -18.08 -3.90
CA ALA B 9 -0.81 -16.68 -4.24
C ALA B 9 0.30 -15.79 -3.70
N SER B 10 0.61 -14.72 -4.43
CA SER B 10 1.37 -13.65 -3.81
C SER B 10 0.49 -13.01 -2.74
N MET B 11 1.12 -12.46 -1.71
CA MET B 11 0.39 -11.80 -0.63
C MET B 11 0.92 -10.39 -0.48
N ARG B 12 0.00 -9.43 -0.33
CA ARG B 12 0.44 -8.07 -0.02
C ARG B 12 1.19 -8.05 1.31
N SER B 13 2.19 -7.19 1.39
CA SER B 13 2.92 -7.03 2.63
C SER B 13 2.00 -6.46 3.70
N ALA B 14 2.39 -6.67 4.96
CA ALA B 14 1.59 -6.12 6.05
C ALA B 14 1.41 -4.62 5.91
N SER B 15 2.48 -3.92 5.51
CA SER B 15 2.39 -2.47 5.38
CA SER B 15 2.39 -2.47 5.38
C SER B 15 1.42 -2.06 4.28
N GLU B 16 1.35 -2.83 3.19
CA GLU B 16 0.41 -2.48 2.14
CA GLU B 16 0.41 -2.52 2.12
C GLU B 16 -1.03 -2.78 2.56
N ILE B 17 -1.25 -3.91 3.22
CA ILE B 17 -2.61 -4.30 3.60
C ILE B 17 -3.22 -3.28 4.56
N VAL B 18 -2.44 -2.82 5.53
N VAL B 18 -2.45 -2.82 5.54
CA VAL B 18 -2.96 -1.89 6.52
CA VAL B 18 -3.00 -1.89 6.51
C VAL B 18 -3.43 -0.60 5.86
C VAL B 18 -3.48 -0.61 5.84
N GLN B 19 -2.83 -0.23 4.73
CA GLN B 19 -3.23 1.00 4.04
C GLN B 19 -4.67 0.93 3.53
N GLU B 20 -5.20 -0.28 3.34
CA GLU B 20 -6.47 -0.48 2.67
C GLU B 20 -7.60 -0.91 3.60
N MET B 21 -7.32 -1.18 4.87
CA MET B 21 -8.30 -1.83 5.73
C MET B 21 -9.43 -0.92 6.21
N GLY B 22 -9.24 0.40 6.14
CA GLY B 22 -10.33 1.32 6.41
C GLY B 22 -10.85 1.25 7.83
N VAL B 23 -12.14 1.51 7.96
CA VAL B 23 -12.85 1.33 9.21
C VAL B 23 -13.50 -0.05 9.20
N GLY B 24 -13.44 -0.72 10.35
CA GLY B 24 -13.87 -2.10 10.46
C GLY B 24 -14.90 -2.31 11.56
N TRP B 25 -15.35 -3.56 11.64
CA TRP B 25 -16.45 -3.95 12.52
C TRP B 25 -16.17 -5.34 13.09
N ASN B 26 -16.32 -5.49 14.42
CA ASN B 26 -16.15 -6.77 15.09
C ASN B 26 -17.49 -7.47 15.24
N LEU B 27 -17.52 -8.77 14.90
CA LEU B 27 -18.64 -9.65 15.22
C LEU B 27 -18.50 -10.11 16.68
N GLY B 28 -18.82 -9.19 17.59
CA GLY B 28 -18.51 -9.42 18.99
C GLY B 28 -19.52 -10.30 19.71
N ASN B 29 -19.05 -10.95 20.79
CA ASN B 29 -19.89 -11.80 21.65
C ASN B 29 -20.60 -12.89 20.85
N THR B 30 -19.86 -13.49 19.90
CA THR B 30 -20.40 -14.48 18.97
C THR B 30 -19.49 -15.72 18.97
N LEU B 31 -18.57 -15.87 18.01
CA LEU B 31 -17.67 -17.03 18.03
C LEU B 31 -16.63 -16.91 19.12
N ASP B 32 -16.56 -15.75 19.78
CA ASP B 32 -15.72 -15.49 20.94
C ASP B 32 -16.41 -15.77 22.26
N ALA B 33 -17.73 -15.93 22.25
CA ALA B 33 -18.44 -16.17 23.50
C ALA B 33 -17.85 -17.41 24.19
N LYS B 34 -17.40 -17.23 25.43
CA LYS B 34 -16.66 -18.27 26.15
C LYS B 34 -17.65 -19.05 27.01
N ILE B 35 -18.08 -20.20 26.51
CA ILE B 35 -19.08 -21.03 27.15
C ILE B 35 -18.38 -22.25 27.72
N THR B 36 -18.29 -22.33 29.04
CA THR B 36 -17.41 -23.29 29.69
C THR B 36 -18.14 -24.47 30.28
N ASN B 37 -19.44 -24.60 30.04
CA ASN B 37 -20.21 -25.74 30.51
C ASN B 37 -20.81 -26.53 29.35
N LEU B 38 -20.12 -26.56 28.21
CA LEU B 38 -20.48 -27.42 27.10
C LEU B 38 -19.41 -28.50 26.97
N SER B 39 -19.32 -29.11 25.80
CA SER B 39 -18.27 -30.08 25.52
C SER B 39 -17.65 -29.72 24.20
N TYR B 40 -16.43 -30.20 23.96
CA TYR B 40 -15.78 -29.93 22.69
C TYR B 40 -16.57 -30.49 21.51
N ASN B 41 -17.48 -31.45 21.74
CA ASN B 41 -18.29 -32.05 20.69
CA ASN B 41 -18.29 -32.04 20.68
C ASN B 41 -19.68 -31.42 20.57
N THR B 42 -20.01 -30.45 21.40
CA THR B 42 -21.31 -29.79 21.33
C THR B 42 -21.39 -28.94 20.06
N SER B 43 -22.60 -28.80 19.54
CA SER B 43 -22.81 -28.03 18.32
C SER B 43 -22.17 -26.66 18.41
N PRO B 44 -21.56 -26.17 17.33
CA PRO B 44 -21.03 -24.79 17.35
C PRO B 44 -22.07 -23.75 17.71
N ILE B 45 -23.33 -23.98 17.35
CA ILE B 45 -24.35 -22.95 17.51
C ILE B 45 -24.64 -22.70 18.99
N SER B 46 -24.46 -23.71 19.84
CA SER B 46 -24.63 -23.54 21.28
C SER B 46 -23.63 -22.54 21.83
N PHE B 47 -22.43 -22.49 21.25
CA PHE B 47 -21.41 -21.51 21.65
C PHE B 47 -21.72 -20.15 21.04
N GLU B 48 -21.95 -20.12 19.72
CA GLU B 48 -22.17 -18.87 18.99
C GLU B 48 -23.30 -18.05 19.59
N THR B 49 -24.39 -18.70 20.02
CA THR B 49 -25.55 -18.04 20.59
C THR B 49 -25.53 -18.01 22.12
N GLY B 50 -24.43 -18.45 22.73
CA GLY B 50 -24.41 -18.66 24.17
C GLY B 50 -24.38 -17.40 25.00
N TRP B 51 -24.03 -16.26 24.41
CA TRP B 51 -24.11 -14.97 25.09
C TRP B 51 -25.26 -14.13 24.57
N GLY B 52 -26.27 -14.77 23.99
CA GLY B 52 -27.52 -14.11 23.69
C GLY B 52 -27.64 -13.53 22.30
N ASN B 53 -26.62 -13.68 21.45
CA ASN B 53 -26.75 -13.17 20.10
C ASN B 53 -27.35 -14.24 19.18
N PRO B 54 -28.08 -13.80 18.15
CA PRO B 54 -28.68 -14.76 17.22
C PRO B 54 -27.61 -15.35 16.30
N VAL B 55 -27.92 -16.51 15.73
CA VAL B 55 -26.96 -17.15 14.83
C VAL B 55 -26.65 -16.23 13.66
N THR B 56 -25.37 -16.15 13.29
CA THR B 56 -24.92 -15.21 12.27
C THR B 56 -25.39 -15.65 10.89
N THR B 57 -25.82 -14.68 10.08
CA THR B 57 -26.19 -14.93 8.69
C THR B 57 -25.37 -14.04 7.75
N LYS B 58 -25.31 -14.45 6.49
CA LYS B 58 -24.63 -13.61 5.51
C LYS B 58 -25.31 -12.25 5.37
N ALA B 59 -26.64 -12.19 5.55
CA ALA B 59 -27.34 -10.92 5.44
C ALA B 59 -26.83 -9.90 6.45
N MET B 60 -26.45 -10.35 7.65
CA MET B 60 -25.85 -9.43 8.62
C MET B 60 -24.56 -8.85 8.08
N ILE B 61 -23.71 -9.73 7.55
CA ILE B 61 -22.42 -9.31 7.01
C ILE B 61 -22.62 -8.38 5.83
N ASP B 62 -23.61 -8.67 4.98
CA ASP B 62 -23.91 -7.80 3.84
C ASP B 62 -24.23 -6.39 4.30
N LYS B 63 -24.97 -6.25 5.40
CA LYS B 63 -25.32 -4.93 5.92
C LYS B 63 -24.07 -4.15 6.28
N ILE B 64 -23.09 -4.83 6.89
CA ILE B 64 -21.84 -4.19 7.27
C ILE B 64 -21.05 -3.77 6.04
N LYS B 65 -20.91 -4.67 5.07
CA LYS B 65 -20.22 -4.33 3.83
C LYS B 65 -20.90 -3.16 3.12
N ASN B 66 -22.22 -3.21 3.01
CA ASN B 66 -22.93 -2.19 2.25
C ASN B 66 -22.91 -0.83 2.94
N ALA B 67 -22.65 -0.80 4.25
CA ALA B 67 -22.52 0.47 4.95
C ALA B 67 -21.21 1.17 4.64
N GLY B 68 -20.19 0.43 4.22
CA GLY B 68 -18.91 1.00 3.86
C GLY B 68 -17.76 0.57 4.75
N PHE B 69 -17.97 -0.33 5.71
CA PHE B 69 -16.84 -0.92 6.43
C PHE B 69 -16.06 -1.80 5.47
N LYS B 70 -14.72 -1.79 5.60
CA LYS B 70 -13.88 -2.58 4.70
C LYS B 70 -13.27 -3.81 5.36
N THR B 71 -13.35 -3.93 6.68
CA THR B 71 -12.76 -5.01 7.45
C THR B 71 -13.78 -5.52 8.46
N ILE B 72 -13.83 -6.84 8.64
CA ILE B 72 -14.53 -7.44 9.77
C ILE B 72 -13.53 -8.27 10.58
N ARG B 73 -13.53 -8.05 11.88
CA ARG B 73 -12.80 -8.91 12.81
C ARG B 73 -13.76 -9.95 13.35
N ILE B 74 -13.34 -11.20 13.28
CA ILE B 74 -14.11 -12.35 13.77
CA ILE B 74 -14.11 -12.36 13.77
C ILE B 74 -13.42 -12.86 15.02
N PRO B 75 -13.68 -12.29 16.19
CA PRO B 75 -13.05 -12.79 17.41
C PRO B 75 -13.55 -14.19 17.68
N THR B 76 -12.62 -15.11 17.96
CA THR B 76 -12.95 -16.52 18.05
C THR B 76 -12.23 -17.12 19.25
N THR B 77 -13.00 -17.77 20.13
CA THR B 77 -12.47 -18.45 21.31
C THR B 77 -12.42 -19.94 21.00
N TRP B 78 -11.22 -20.53 21.09
CA TRP B 78 -10.98 -21.87 20.56
C TRP B 78 -10.80 -22.95 21.62
N GLY B 79 -10.35 -22.59 22.82
CA GLY B 79 -9.89 -23.62 23.75
C GLY B 79 -10.95 -24.66 24.10
N GLU B 80 -12.20 -24.23 24.25
CA GLU B 80 -13.29 -25.14 24.59
C GLU B 80 -13.58 -26.13 23.48
N HIS B 81 -12.99 -25.95 22.31
CA HIS B 81 -13.21 -26.79 21.14
C HIS B 81 -12.08 -27.77 20.91
N LEU B 82 -11.10 -27.82 21.82
CA LEU B 82 -10.01 -28.78 21.76
C LEU B 82 -10.36 -30.02 22.58
N ASP B 83 -10.08 -31.18 22.03
CA ASP B 83 -10.27 -32.43 22.75
C ASP B 83 -9.06 -32.70 23.64
N GLY B 84 -9.04 -33.90 24.26
CA GLY B 84 -7.97 -34.23 25.19
C GLY B 84 -6.60 -34.33 24.56
N ASN B 85 -6.53 -34.49 23.24
CA ASN B 85 -5.27 -34.51 22.51
C ASN B 85 -4.96 -33.17 21.86
N ASN B 86 -5.69 -32.11 22.22
CA ASN B 86 -5.52 -30.79 21.62
C ASN B 86 -5.86 -30.77 20.14
N LYS B 87 -6.78 -31.64 19.71
CA LYS B 87 -7.30 -31.59 18.35
C LYS B 87 -8.59 -30.77 18.32
N LEU B 88 -8.68 -29.83 17.38
CA LEU B 88 -9.89 -29.03 17.24
C LEU B 88 -11.05 -29.85 16.69
N ASN B 89 -12.23 -29.62 17.25
CA ASN B 89 -13.44 -30.20 16.72
C ASN B 89 -13.69 -29.70 15.30
N GLU B 90 -14.00 -30.64 14.40
CA GLU B 90 -14.11 -30.28 12.99
C GLU B 90 -15.37 -29.49 12.68
N GLU B 91 -16.47 -29.75 13.39
CA GLU B 91 -17.66 -28.95 13.16
C GLU B 91 -17.46 -27.50 13.58
N TRP B 92 -16.71 -27.27 14.66
CA TRP B 92 -16.36 -25.91 15.04
C TRP B 92 -15.60 -25.21 13.94
N VAL B 93 -14.54 -25.84 13.44
CA VAL B 93 -13.76 -25.22 12.37
C VAL B 93 -14.65 -24.94 11.17
N LYS B 94 -15.54 -25.87 10.82
CA LYS B 94 -16.44 -25.66 9.69
C LYS B 94 -17.31 -24.41 9.88
N ARG B 95 -17.84 -24.21 11.10
CA ARG B 95 -18.69 -23.05 11.33
C ARG B 95 -17.88 -21.75 11.28
N VAL B 96 -16.70 -21.72 11.91
CA VAL B 96 -15.84 -20.54 11.80
C VAL B 96 -15.56 -20.23 10.34
N LYS B 97 -15.26 -21.27 9.54
CA LYS B 97 -14.94 -21.05 8.14
C LYS B 97 -16.13 -20.50 7.37
N GLU B 98 -17.35 -20.97 7.68
CA GLU B 98 -18.53 -20.44 7.00
C GLU B 98 -18.72 -18.96 7.29
N VAL B 99 -18.51 -18.53 8.54
CA VAL B 99 -18.64 -17.12 8.86
C VAL B 99 -17.54 -16.30 8.21
N VAL B 100 -16.30 -16.79 8.21
CA VAL B 100 -15.24 -16.15 7.47
C VAL B 100 -15.61 -16.02 5.99
N ASP B 101 -16.20 -17.09 5.42
CA ASP B 101 -16.58 -17.08 4.02
C ASP B 101 -17.65 -16.03 3.72
N TYR B 102 -18.60 -15.79 4.65
CA TYR B 102 -19.56 -14.71 4.42
C TYR B 102 -18.81 -13.41 4.14
N CYS B 103 -17.78 -13.15 4.94
CA CYS B 103 -17.05 -11.89 4.88
C CYS B 103 -16.14 -11.82 3.65
N ILE B 104 -15.38 -12.88 3.38
CA ILE B 104 -14.48 -12.84 2.24
CA ILE B 104 -14.48 -12.90 2.24
C ILE B 104 -15.27 -12.80 0.94
N ALA B 105 -16.40 -13.50 0.87
CA ALA B 105 -17.26 -13.42 -0.31
C ALA B 105 -17.69 -11.98 -0.58
N ASP B 106 -17.90 -11.21 0.48
CA ASP B 106 -18.31 -9.80 0.38
C ASP B 106 -17.13 -8.86 0.18
N ASP B 107 -15.94 -9.38 -0.13
CA ASP B 107 -14.77 -8.57 -0.46
C ASP B 107 -14.28 -7.75 0.73
N LEU B 108 -14.46 -8.27 1.94
CA LEU B 108 -13.95 -7.65 3.16
C LEU B 108 -12.60 -8.24 3.52
N TYR B 109 -11.76 -7.41 4.15
CA TYR B 109 -10.64 -7.96 4.92
C TYR B 109 -11.20 -8.63 6.16
N VAL B 110 -10.61 -9.74 6.57
CA VAL B 110 -11.04 -10.47 7.77
C VAL B 110 -9.85 -10.63 8.69
N ILE B 111 -10.03 -10.31 9.96
CA ILE B 111 -9.07 -10.60 11.01
C ILE B 111 -9.63 -11.76 11.82
N LEU B 112 -8.93 -12.90 11.81
CA LEU B 112 -9.29 -14.07 12.57
C LEU B 112 -8.26 -14.25 13.69
N ASN B 113 -8.71 -14.26 14.93
CA ASN B 113 -7.81 -14.27 16.08
C ASN B 113 -8.02 -15.54 16.91
N THR B 114 -7.27 -15.63 18.01
CA THR B 114 -7.73 -16.32 19.21
C THR B 114 -8.16 -15.24 20.20
N HIS B 115 -9.16 -15.56 21.04
CA HIS B 115 -9.83 -14.53 21.80
C HIS B 115 -9.74 -14.80 23.30
N HIS B 116 -10.79 -15.30 23.94
CA HIS B 116 -10.79 -15.44 25.41
C HIS B 116 -10.11 -16.75 25.81
N GLU B 117 -8.77 -16.76 25.72
CA GLU B 117 -7.98 -17.95 26.04
C GLU B 117 -7.20 -17.81 27.35
N GLY B 118 -7.48 -16.77 28.14
CA GLY B 118 -6.62 -16.43 29.27
C GLY B 118 -6.69 -17.38 30.45
N ASN B 119 -7.67 -18.28 30.49
CA ASN B 119 -7.67 -19.33 31.52
C ASN B 119 -6.53 -20.31 31.31
N TRP B 120 -6.00 -20.42 30.10
CA TRP B 120 -4.88 -21.32 29.81
C TRP B 120 -3.66 -20.64 29.23
N VAL B 121 -3.83 -19.56 28.45
CA VAL B 121 -2.69 -18.79 27.98
C VAL B 121 -2.26 -17.84 29.08
N ILE B 122 -1.45 -18.34 30.01
CA ILE B 122 -1.06 -17.62 31.21
C ILE B 122 0.38 -17.15 31.03
N PRO B 123 0.64 -15.83 30.99
CA PRO B 123 1.99 -15.37 30.61
C PRO B 123 2.95 -15.28 31.79
N THR B 124 3.37 -16.43 32.29
CA THR B 124 4.40 -16.52 33.31
C THR B 124 5.47 -17.50 32.87
N TYR B 125 6.67 -17.35 33.42
CA TYR B 125 7.74 -18.28 33.12
C TYR B 125 7.40 -19.68 33.59
N ALA B 126 6.66 -19.80 34.70
CA ALA B 126 6.32 -21.13 35.22
C ALA B 126 5.42 -21.90 34.25
N LYS B 127 4.54 -21.20 33.53
CA LYS B 127 3.61 -21.84 32.62
C LYS B 127 4.12 -21.90 31.18
N GLU B 128 5.13 -21.12 30.83
CA GLU B 128 5.51 -20.96 29.43
C GLU B 128 5.80 -22.29 28.75
N SER B 129 6.48 -23.22 29.44
CA SER B 129 6.93 -24.45 28.78
C SER B 129 5.79 -25.40 28.45
N SER B 130 4.65 -25.27 29.12
CA SER B 130 3.50 -26.11 28.79
C SER B 130 2.46 -25.37 27.95
N VAL B 131 2.33 -24.05 28.09
CA VAL B 131 1.41 -23.29 27.25
C VAL B 131 1.91 -23.26 25.81
N THR B 132 3.20 -23.02 25.62
CA THR B 132 3.71 -22.81 24.27
C THR B 132 3.40 -23.96 23.33
N PRO B 133 3.68 -25.23 23.66
CA PRO B 133 3.33 -26.30 22.71
C PRO B 133 1.83 -26.38 22.41
N LYS B 134 0.96 -26.11 23.38
CA LYS B 134 -0.48 -26.15 23.11
C LYS B 134 -0.90 -25.01 22.18
N LEU B 135 -0.40 -23.80 22.44
CA LEU B 135 -0.71 -22.67 21.56
C LEU B 135 -0.19 -22.92 20.16
N LYS B 136 0.99 -23.53 20.03
CA LYS B 136 1.53 -23.86 18.72
C LYS B 136 0.67 -24.90 17.99
N THR B 137 0.21 -25.94 18.70
CA THR B 137 -0.67 -26.93 18.06
CA THR B 137 -0.65 -26.91 18.04
C THR B 137 -1.97 -26.28 17.61
N LEU B 138 -2.53 -25.40 18.44
CA LEU B 138 -3.75 -24.69 18.05
C LEU B 138 -3.52 -23.86 16.79
N TRP B 139 -2.46 -23.05 16.77
CA TRP B 139 -2.22 -22.23 15.59
C TRP B 139 -1.84 -23.05 14.37
N THR B 140 -1.17 -24.18 14.54
CA THR B 140 -0.94 -25.05 13.38
C THR B 140 -2.26 -25.45 12.74
N GLN B 141 -3.23 -25.81 13.57
CA GLN B 141 -4.51 -26.28 13.04
C GLN B 141 -5.32 -25.14 12.44
N ILE B 142 -5.38 -23.97 13.09
CA ILE B 142 -6.08 -22.84 12.48
C ILE B 142 -5.44 -22.50 11.15
N SER B 143 -4.11 -22.40 11.13
CA SER B 143 -3.37 -22.03 9.92
CA SER B 143 -3.46 -21.97 9.90
C SER B 143 -3.62 -23.01 8.79
N GLU B 144 -3.59 -24.30 9.12
CA GLU B 144 -3.81 -25.32 8.09
C GLU B 144 -5.22 -25.22 7.52
N ALA B 145 -6.21 -24.99 8.39
CA ALA B 145 -7.59 -24.91 7.92
C ALA B 145 -7.78 -23.75 6.95
N PHE B 146 -7.04 -22.67 7.12
CA PHE B 146 -7.22 -21.45 6.33
C PHE B 146 -6.04 -21.18 5.39
N LYS B 147 -5.21 -22.19 5.14
CA LYS B 147 -3.95 -21.97 4.45
C LYS B 147 -4.14 -21.41 3.03
N ASP B 148 -5.20 -21.84 2.35
CA ASP B 148 -5.39 -21.48 0.96
C ASP B 148 -6.14 -20.17 0.77
N TYR B 149 -6.52 -19.49 1.85
CA TYR B 149 -7.17 -18.20 1.74
C TYR B 149 -6.17 -17.15 1.27
N ASP B 150 -6.66 -16.20 0.48
CA ASP B 150 -5.83 -15.12 -0.05
C ASP B 150 -5.59 -14.06 1.03
N ASP B 151 -4.97 -12.95 0.63
CA ASP B 151 -4.49 -11.97 1.60
C ASP B 151 -5.60 -11.09 2.14
N HIS B 152 -6.86 -11.32 1.79
CA HIS B 152 -7.90 -10.67 2.56
C HIS B 152 -8.02 -11.21 3.98
N LEU B 153 -7.49 -12.40 4.24
CA LEU B 153 -7.52 -12.99 5.57
C LEU B 153 -6.20 -12.70 6.29
N ILE B 154 -6.33 -12.12 7.49
CA ILE B 154 -5.23 -11.75 8.36
C ILE B 154 -5.41 -12.55 9.65
N PHE B 155 -4.33 -13.11 10.17
CA PHE B 155 -4.39 -13.78 11.46
C PHE B 155 -3.95 -12.83 12.56
N GLU B 156 -4.49 -13.03 13.76
CA GLU B 156 -4.12 -12.27 14.96
C GLU B 156 -3.86 -13.27 16.07
N THR B 157 -2.62 -13.31 16.55
CA THR B 157 -2.16 -14.45 17.37
C THR B 157 -2.97 -14.60 18.66
N LEU B 158 -3.16 -13.50 19.38
CA LEU B 158 -3.77 -13.45 20.69
C LEU B 158 -4.56 -12.16 20.80
N ASN B 159 -5.47 -12.09 21.78
CA ASN B 159 -6.37 -10.94 21.93
C ASN B 159 -5.84 -9.92 22.93
N GLN B 160 -6.09 -10.13 24.22
CA GLN B 160 -5.64 -9.24 25.29
C GLN B 160 -4.89 -10.06 26.33
N PRO B 161 -3.79 -10.72 25.94
CA PRO B 161 -3.11 -11.64 26.84
C PRO B 161 -2.54 -10.90 28.05
N ARG B 162 -2.87 -11.41 29.25
CA ARG B 162 -2.57 -10.67 30.47
C ARG B 162 -2.61 -11.62 31.65
N LEU B 163 -2.19 -11.11 32.82
CA LEU B 163 -2.21 -11.86 34.08
C LEU B 163 -3.60 -11.76 34.71
N GLU B 164 -4.56 -12.49 34.13
CA GLU B 164 -5.91 -12.47 34.64
C GLU B 164 -5.96 -12.96 36.08
N GLY B 165 -6.81 -12.33 36.88
CA GLY B 165 -6.99 -12.70 38.27
C GLY B 165 -5.92 -12.19 39.22
N THR B 166 -5.02 -11.33 38.76
CA THR B 166 -3.99 -10.73 39.59
C THR B 166 -4.14 -9.22 39.59
N PRO B 167 -3.49 -8.53 40.53
CA PRO B 167 -3.55 -7.06 40.51
C PRO B 167 -2.95 -6.44 39.26
N TYR B 168 -2.10 -7.17 38.53
CA TYR B 168 -1.41 -6.68 37.35
C TYR B 168 -2.23 -6.85 36.07
N GLU B 169 -3.46 -7.37 36.16
CA GLU B 169 -4.25 -7.67 34.97
C GLU B 169 -4.45 -6.43 34.10
N TRP B 170 -4.84 -5.31 34.70
CA TRP B 170 -5.24 -4.11 33.97
C TRP B 170 -4.31 -2.94 34.18
N THR B 171 -3.12 -3.17 34.72
CA THR B 171 -2.17 -2.11 34.99
C THR B 171 -0.95 -2.20 34.10
N GLY B 172 -0.95 -3.07 33.09
CA GLY B 172 0.18 -3.19 32.18
C GLY B 172 1.13 -4.33 32.48
N GLY B 173 0.82 -5.17 33.45
CA GLY B 173 1.57 -6.38 33.64
C GLY B 173 2.87 -6.16 34.39
N THR B 174 3.78 -7.10 34.17
CA THR B 174 5.10 -7.13 34.79
C THR B 174 6.13 -7.37 33.70
N SER B 175 7.40 -7.14 34.03
CA SER B 175 8.45 -7.42 33.05
CA SER B 175 8.45 -7.42 33.05
C SER B 175 8.38 -8.88 32.59
N GLU B 176 8.20 -9.80 33.53
CA GLU B 176 8.08 -11.22 33.19
C GLU B 176 6.92 -11.46 32.24
N SER B 177 5.73 -10.96 32.57
CA SER B 177 4.56 -11.30 31.77
C SER B 177 4.59 -10.62 30.40
N ARG B 178 5.13 -9.41 30.31
CA ARG B 178 5.29 -8.78 29.00
C ARG B 178 6.29 -9.56 28.14
N ASP B 179 7.36 -10.08 28.75
CA ASP B 179 8.30 -10.93 28.03
C ASP B 179 7.60 -12.18 27.51
N VAL B 180 6.83 -12.85 28.37
CA VAL B 180 6.20 -14.10 27.96
C VAL B 180 5.14 -13.85 26.87
N VAL B 181 4.42 -12.72 26.93
CA VAL B 181 3.49 -12.42 25.85
C VAL B 181 4.24 -12.34 24.52
N ASN B 182 5.39 -11.67 24.49
CA ASN B 182 6.17 -11.61 23.26
C ASN B 182 6.56 -13.00 22.79
N LYS B 183 6.95 -13.87 23.72
CA LYS B 183 7.37 -15.22 23.36
C LYS B 183 6.19 -16.04 22.83
N TYR B 184 5.01 -15.89 23.43
CA TYR B 184 3.83 -16.59 22.91
C TYR B 184 3.48 -16.08 21.51
N ASN B 185 3.53 -14.77 21.30
CA ASN B 185 3.27 -14.23 19.97
C ASN B 185 4.24 -14.79 18.94
N ALA B 186 5.54 -14.84 19.29
CA ALA B 186 6.53 -15.36 18.36
C ALA B 186 6.31 -16.85 18.07
N ALA B 187 5.92 -17.62 19.10
CA ALA B 187 5.66 -19.04 18.90
C ALA B 187 4.47 -19.25 17.98
N ALA B 188 3.40 -18.48 18.19
CA ALA B 188 2.24 -18.58 17.32
C ALA B 188 2.61 -18.24 15.88
N LEU B 189 3.38 -17.18 15.71
CA LEU B 189 3.79 -16.76 14.36
C LEU B 189 4.61 -17.86 13.69
N GLU B 190 5.54 -18.46 14.42
CA GLU B 190 6.37 -19.52 13.83
C GLU B 190 5.50 -20.67 13.36
N SER B 191 4.48 -21.03 14.14
CA SER B 191 3.61 -22.14 13.77
C SER B 191 2.81 -21.80 12.52
N ILE B 192 2.37 -20.55 12.41
CA ILE B 192 1.69 -20.10 11.19
C ILE B 192 2.61 -20.24 9.99
N ARG B 193 3.82 -19.68 10.09
CA ARG B 193 4.75 -19.68 8.98
C ARG B 193 5.14 -21.09 8.55
N LYS B 194 5.31 -22.00 9.51
CA LYS B 194 5.75 -23.35 9.22
C LYS B 194 4.77 -24.11 8.33
N THR B 195 3.49 -23.73 8.33
CA THR B 195 2.52 -24.43 7.48
C THR B 195 2.70 -24.11 5.99
N GLY B 196 3.43 -23.05 5.66
CA GLY B 196 3.80 -22.81 4.27
C GLY B 196 2.71 -22.19 3.42
N GLY B 197 2.95 -22.26 2.11
CA GLY B 197 2.00 -21.69 1.16
C GLY B 197 1.76 -20.22 1.44
N ASN B 198 0.50 -19.81 1.33
CA ASN B 198 0.15 -18.41 1.58
C ASN B 198 0.49 -17.99 3.01
N ASN B 199 0.57 -18.94 3.94
CA ASN B 199 0.90 -18.60 5.32
C ASN B 199 2.37 -18.22 5.51
N LEU B 200 3.22 -18.42 4.49
CA LEU B 200 4.59 -17.96 4.59
C LEU B 200 4.66 -16.43 4.67
N SER B 201 3.74 -15.73 4.02
CA SER B 201 3.79 -14.28 3.89
CA SER B 201 3.82 -14.28 3.96
C SER B 201 2.54 -13.57 4.38
N ARG B 202 1.50 -14.29 4.79
CA ARG B 202 0.27 -13.66 5.25
C ARG B 202 0.58 -12.67 6.37
N ALA B 203 -0.07 -11.52 6.32
CA ALA B 203 0.05 -10.56 7.42
C ALA B 203 -0.48 -11.17 8.71
N VAL B 204 0.25 -10.93 9.81
CA VAL B 204 -0.09 -11.46 11.12
C VAL B 204 -0.04 -10.32 12.15
N MET B 205 -1.16 -10.06 12.79
CA MET B 205 -1.27 -9.13 13.91
C MET B 205 -0.91 -9.84 15.22
N MET B 206 -0.27 -9.10 16.13
CA MET B 206 0.10 -9.63 17.44
CA MET B 206 0.03 -9.64 17.44
C MET B 206 -0.03 -8.49 18.43
N PRO B 207 -0.57 -8.73 19.62
CA PRO B 207 -0.81 -7.61 20.55
C PRO B 207 0.33 -7.37 21.53
N THR B 208 0.32 -6.16 22.08
CA THR B 208 0.99 -5.87 23.33
C THR B 208 0.29 -6.61 24.48
N TYR B 209 0.90 -6.58 25.65
CA TYR B 209 0.23 -7.08 26.85
C TYR B 209 -1.13 -6.39 27.02
N ALA B 210 -2.18 -7.19 27.18
CA ALA B 210 -3.56 -6.74 27.31
C ALA B 210 -4.06 -5.95 26.11
N ALA B 211 -3.33 -6.00 25.00
CA ALA B 211 -3.56 -5.11 23.86
C ALA B 211 -3.57 -3.64 24.28
N SER B 212 -2.86 -3.32 25.36
CA SER B 212 -2.82 -1.95 25.83
C SER B 212 -1.86 -1.10 25.00
N GLY B 213 -2.29 0.12 24.69
CA GLY B 213 -1.48 1.11 24.05
C GLY B 213 -0.69 2.00 24.99
N SER B 214 -0.64 1.65 26.28
CA SER B 214 0.18 2.41 27.21
C SER B 214 1.64 2.39 26.78
N SER B 215 2.39 3.40 27.24
CA SER B 215 3.81 3.46 26.94
CA SER B 215 3.81 3.45 26.92
C SER B 215 4.52 2.19 27.40
N THR B 216 4.19 1.70 28.60
CA THR B 216 4.93 0.56 29.14
C THR B 216 4.72 -0.67 28.27
N THR B 217 3.49 -0.93 27.86
CA THR B 217 3.21 -2.14 27.09
C THR B 217 3.67 -1.99 25.64
N MET B 218 3.48 -0.82 25.03
CA MET B 218 4.02 -0.61 23.69
C MET B 218 5.53 -0.74 23.68
N ASN B 219 6.21 -0.12 24.64
CA ASN B 219 7.66 -0.10 24.59
C ASN B 219 8.25 -1.50 24.65
N ASP B 220 7.62 -2.41 25.38
CA ASP B 220 8.14 -3.77 25.48
C ASP B 220 7.73 -4.67 24.33
N PHE B 221 6.92 -4.20 23.39
CA PHE B 221 6.54 -5.02 22.24
C PHE B 221 7.77 -5.39 21.44
N LYS B 222 7.92 -6.68 21.14
CA LYS B 222 9.07 -7.17 20.39
C LYS B 222 8.60 -7.77 19.07
N VAL B 223 9.23 -7.34 17.98
CA VAL B 223 8.92 -7.83 16.64
C VAL B 223 9.85 -9.00 16.36
N PRO B 224 9.32 -10.19 16.04
CA PRO B 224 10.19 -11.31 15.64
C PRO B 224 10.89 -11.02 14.32
N ASP B 225 11.81 -11.92 13.95
CA ASP B 225 12.50 -11.85 12.66
C ASP B 225 11.53 -12.32 11.59
N ASP B 226 10.70 -11.39 11.14
CA ASP B 226 9.62 -11.64 10.20
C ASP B 226 9.27 -10.31 9.56
N LYS B 227 8.95 -10.32 8.28
CA LYS B 227 8.74 -9.10 7.53
C LYS B 227 7.29 -8.64 7.47
N ASN B 228 6.34 -9.41 7.99
CA ASN B 228 4.92 -9.13 7.79
C ASN B 228 4.12 -9.20 9.07
N VAL B 229 4.63 -8.54 10.10
CA VAL B 229 3.98 -8.39 11.39
C VAL B 229 3.28 -7.04 11.47
N ILE B 230 2.11 -7.04 12.12
CA ILE B 230 1.36 -5.84 12.45
C ILE B 230 1.16 -5.84 13.97
N ALA B 231 1.37 -4.69 14.62
CA ALA B 231 1.04 -4.58 16.04
C ALA B 231 -0.46 -4.39 16.22
N SER B 232 -1.01 -5.01 17.26
CA SER B 232 -2.42 -4.89 17.64
C SER B 232 -2.54 -4.18 18.98
N VAL B 233 -3.30 -3.08 19.01
CA VAL B 233 -3.73 -2.48 20.27
C VAL B 233 -5.24 -2.26 20.22
N HIS B 234 -5.84 -2.18 21.41
CA HIS B 234 -7.23 -1.84 21.59
C HIS B 234 -7.28 -0.51 22.34
N ALA B 235 -8.16 0.39 21.89
CA ALA B 235 -8.11 1.78 22.40
C ALA B 235 -9.53 2.33 22.48
N TYR B 236 -10.21 1.99 23.57
CA TYR B 236 -11.54 2.52 23.87
C TYR B 236 -11.34 3.89 24.51
N SER B 237 -11.07 4.88 23.66
CA SER B 237 -10.56 6.15 24.13
CA SER B 237 -10.55 6.15 24.11
C SER B 237 -11.51 7.28 23.79
N PRO B 238 -11.60 8.29 24.68
CA PRO B 238 -10.99 8.35 26.01
C PRO B 238 -11.81 7.50 26.99
N TYR B 239 -11.11 6.77 27.86
CA TYR B 239 -11.72 5.74 28.69
C TYR B 239 -12.92 6.24 29.48
N PHE B 240 -12.82 7.39 30.15
CA PHE B 240 -13.92 7.80 31.02
C PHE B 240 -15.19 8.09 30.24
N PHE B 241 -15.06 8.54 28.99
CA PHE B 241 -16.22 8.73 28.12
C PHE B 241 -16.66 7.41 27.51
N ALA B 242 -15.72 6.66 26.94
CA ALA B 242 -16.05 5.55 26.07
C ALA B 242 -16.53 4.31 26.82
N MET B 243 -16.01 4.06 28.01
CA MET B 243 -16.21 2.76 28.64
C MET B 243 -16.58 2.83 30.12
N ASP B 244 -16.11 3.82 30.86
CA ASP B 244 -16.30 3.82 32.31
C ASP B 244 -17.76 4.08 32.68
N THR B 245 -18.23 3.35 33.69
CA THR B 245 -19.55 3.55 34.25
C THR B 245 -19.51 3.93 35.73
N SER B 246 -18.34 4.26 36.25
CA SER B 246 -18.18 4.65 37.64
C SER B 246 -18.63 6.09 37.83
N SER B 247 -18.45 6.62 39.05
CA SER B 247 -18.71 8.03 39.29
C SER B 247 -17.79 8.93 38.48
N ASN B 248 -16.70 8.37 37.92
CA ASN B 248 -15.81 9.10 37.04
C ASN B 248 -16.33 9.16 35.60
N SER B 249 -17.48 8.57 35.32
CA SER B 249 -17.98 8.53 33.97
C SER B 249 -18.20 9.94 33.42
N VAL B 250 -17.81 10.14 32.16
CA VAL B 250 -18.04 11.35 31.39
C VAL B 250 -18.98 10.99 30.26
N ASN B 251 -19.89 11.90 29.90
CA ASN B 251 -20.86 11.59 28.85
C ASN B 251 -20.87 12.59 27.70
N THR B 252 -19.92 13.52 27.65
CA THR B 252 -19.79 14.44 26.53
C THR B 252 -18.37 14.35 25.96
N TRP B 253 -18.25 14.68 24.68
CA TRP B 253 -16.97 14.64 23.98
C TRP B 253 -17.00 15.65 22.86
N GLY B 254 -15.89 16.37 22.70
CA GLY B 254 -15.71 17.23 21.54
C GLY B 254 -14.95 18.52 21.76
N SER B 255 -14.40 18.74 22.95
CA SER B 255 -13.63 19.96 23.21
C SER B 255 -12.28 19.91 22.50
N SER B 256 -11.62 21.07 22.48
CA SER B 256 -10.26 21.16 21.96
C SER B 256 -9.33 20.20 22.71
N TYR B 257 -9.46 20.15 24.03
CA TYR B 257 -8.64 19.24 24.83
C TYR B 257 -8.92 17.78 24.45
N ASP B 258 -10.19 17.43 24.25
CA ASP B 258 -10.53 16.07 23.86
C ASP B 258 -9.85 15.69 22.55
N LYS B 259 -9.90 16.59 21.57
CA LYS B 259 -9.33 16.29 20.26
C LYS B 259 -7.81 16.19 20.33
N TYR B 260 -7.17 17.15 21.02
CA TYR B 260 -5.72 17.10 21.17
C TYR B 260 -5.30 15.81 21.85
N SER B 261 -6.01 15.41 22.90
CA SER B 261 -5.63 14.21 23.63
C SER B 261 -5.67 12.99 22.74
N LEU B 262 -6.72 12.87 21.91
CA LEU B 262 -6.82 11.72 21.02
C LEU B 262 -5.75 11.77 19.94
N ASP B 263 -5.47 12.96 19.41
CA ASP B 263 -4.42 13.10 18.41
C ASP B 263 -3.07 12.64 18.94
N VAL B 264 -2.70 13.07 20.15
CA VAL B 264 -1.41 12.68 20.72
C VAL B 264 -1.37 11.18 20.96
N GLU B 265 -2.48 10.60 21.41
CA GLU B 265 -2.55 9.15 21.63
C GLU B 265 -2.32 8.39 20.34
N LEU B 266 -3.01 8.80 19.28
CA LEU B 266 -2.85 8.12 18.00
C LEU B 266 -1.44 8.31 17.43
N ASP B 267 -0.86 9.51 17.62
CA ASP B 267 0.55 9.71 17.24
C ASP B 267 1.44 8.72 17.95
N SER B 268 1.18 8.46 19.24
CA SER B 268 2.04 7.56 19.99
C SER B 268 1.98 6.15 19.43
N TYR B 269 0.80 5.72 18.96
CA TYR B 269 0.70 4.40 18.34
C TYR B 269 1.45 4.37 17.02
N LEU B 270 1.18 5.34 16.14
CA LEU B 270 1.85 5.39 14.85
C LEU B 270 3.36 5.40 15.04
N ASN B 271 3.85 6.35 15.84
CA ASN B 271 5.28 6.62 15.88
C ASN B 271 6.04 5.57 16.66
N THR B 272 5.45 5.02 17.73
CA THR B 272 6.15 3.97 18.48
C THR B 272 6.30 2.71 17.65
N PHE B 273 5.23 2.28 16.98
CA PHE B 273 5.34 1.06 16.19
C PHE B 273 6.16 1.28 14.93
N LYS B 274 6.11 2.47 14.33
CA LYS B 274 7.01 2.77 13.23
C LYS B 274 8.47 2.68 13.65
N SER B 275 8.78 3.15 14.86
CA SER B 275 10.17 3.09 15.33
C SER B 275 10.62 1.65 15.54
N LYS B 276 9.68 0.71 15.65
CA LYS B 276 9.96 -0.72 15.72
C LYS B 276 9.80 -1.41 14.38
N GLY B 277 9.52 -0.67 13.32
CA GLY B 277 9.47 -1.23 11.99
C GLY B 277 8.17 -1.86 11.55
N VAL B 278 7.06 -1.61 12.27
CA VAL B 278 5.79 -2.26 11.93
C VAL B 278 4.62 -1.30 11.90
N PRO B 279 3.60 -1.61 11.10
CA PRO B 279 2.33 -0.89 11.19
C PRO B 279 1.55 -1.31 12.43
N VAL B 280 0.44 -0.62 12.67
CA VAL B 280 -0.42 -0.86 13.81
C VAL B 280 -1.87 -0.83 13.37
N VAL B 281 -2.67 -1.73 13.92
CA VAL B 281 -4.12 -1.78 13.75
C VAL B 281 -4.77 -1.64 15.11
N ILE B 282 -5.76 -0.75 15.22
CA ILE B 282 -6.59 -0.64 16.41
C ILE B 282 -7.73 -1.64 16.22
N GLY B 283 -7.59 -2.83 16.78
CA GLY B 283 -8.52 -3.91 16.53
C GLY B 283 -9.82 -3.84 17.30
N GLN B 284 -9.90 -2.98 18.31
CA GLN B 284 -11.13 -2.68 19.03
C GLN B 284 -11.12 -1.23 19.47
N PHE B 285 -12.23 -0.54 19.22
CA PHE B 285 -12.53 0.75 19.84
C PHE B 285 -14.05 0.90 19.86
N GLY B 286 -14.53 1.97 20.45
CA GLY B 286 -15.96 2.21 20.52
C GLY B 286 -16.30 3.01 21.75
N SER B 287 -17.61 3.28 21.88
CA SER B 287 -18.16 3.93 23.06
C SER B 287 -19.46 3.25 23.42
N ILE B 288 -19.80 3.29 24.71
CA ILE B 288 -21.04 2.69 25.19
C ILE B 288 -22.18 3.68 25.19
N ASN B 289 -23.40 3.17 25.33
CA ASN B 289 -24.62 3.98 25.25
C ASN B 289 -24.90 4.67 26.58
N LYS B 290 -24.53 5.95 26.67
CA LYS B 290 -24.89 6.79 27.80
C LYS B 290 -25.96 7.81 27.42
N ASN B 291 -26.85 7.45 26.51
CA ASN B 291 -27.90 8.35 26.01
CA ASN B 291 -27.89 8.35 26.03
C ASN B 291 -27.28 9.67 25.57
N ASN B 292 -26.20 9.54 24.80
CA ASN B 292 -25.34 10.64 24.43
C ASN B 292 -24.87 10.48 22.99
N THR B 293 -25.83 10.19 22.11
CA THR B 293 -25.51 9.84 20.74
C THR B 293 -24.74 10.94 20.01
N SER B 294 -25.06 12.21 20.27
CA SER B 294 -24.37 13.28 19.55
CA SER B 294 -24.37 13.30 19.57
C SER B 294 -22.88 13.28 19.87
N SER B 295 -22.52 13.09 21.14
CA SER B 295 -21.11 13.03 21.52
C SER B 295 -20.46 11.77 20.98
N ARG B 296 -21.15 10.63 21.04
CA ARG B 296 -20.59 9.40 20.51
C ARG B 296 -20.32 9.52 19.02
N ALA B 297 -21.22 10.18 18.28
CA ALA B 297 -21.02 10.36 16.85
C ALA B 297 -19.87 11.32 16.56
N GLU B 298 -19.75 12.40 17.33
CA GLU B 298 -18.63 13.31 17.16
C GLU B 298 -17.30 12.57 17.37
N LEU B 299 -17.21 11.79 18.45
CA LEU B 299 -16.01 11.01 18.71
C LEU B 299 -15.76 10.01 17.58
N ALA B 300 -16.79 9.30 17.15
CA ALA B 300 -16.60 8.27 16.14
C ALA B 300 -16.02 8.86 14.85
N GLU B 301 -16.56 9.98 14.40
CA GLU B 301 -16.05 10.58 13.17
C GLU B 301 -14.63 11.10 13.35
N TYR B 302 -14.37 11.80 14.46
CA TYR B 302 -13.03 12.34 14.66
C TYR B 302 -12.00 11.23 14.79
N TYR B 303 -12.34 10.18 15.54
CA TYR B 303 -11.43 9.06 15.75
C TYR B 303 -11.05 8.41 14.43
N VAL B 304 -12.05 8.06 13.63
CA VAL B 304 -11.74 7.41 12.36
C VAL B 304 -10.94 8.31 11.44
N THR B 305 -11.32 9.60 11.36
CA THR B 305 -10.56 10.55 10.52
C THR B 305 -9.11 10.61 10.98
N ALA B 306 -8.90 10.79 12.29
CA ALA B 306 -7.55 10.93 12.81
C ALA B 306 -6.74 9.67 12.60
N ALA B 307 -7.34 8.51 12.84
CA ALA B 307 -6.62 7.26 12.63
C ALA B 307 -6.31 7.04 11.16
N GLN B 308 -7.28 7.25 10.29
CA GLN B 308 -7.06 7.03 8.86
C GLN B 308 -6.04 8.00 8.27
N LYS B 309 -6.03 9.26 8.73
CA LYS B 309 -5.00 10.16 8.22
CA LYS B 309 -5.00 10.20 8.28
C LYS B 309 -3.60 9.69 8.61
N ARG B 310 -3.48 8.90 9.67
CA ARG B 310 -2.20 8.34 10.10
C ARG B 310 -1.96 6.95 9.54
N GLY B 311 -2.86 6.45 8.70
CA GLY B 311 -2.69 5.11 8.16
C GLY B 311 -3.00 3.98 9.12
N ILE B 312 -3.82 4.23 10.14
CA ILE B 312 -4.17 3.26 11.16
C ILE B 312 -5.62 2.81 10.95
N PRO B 313 -5.84 1.55 10.58
CA PRO B 313 -7.21 1.01 10.59
C PRO B 313 -7.75 0.91 12.00
N CYS B 314 -9.07 1.10 12.13
CA CYS B 314 -9.71 0.99 13.43
CA CYS B 314 -9.77 1.08 13.42
C CYS B 314 -11.01 0.22 13.28
N VAL B 315 -11.25 -0.68 14.22
CA VAL B 315 -12.30 -1.69 14.11
C VAL B 315 -13.23 -1.56 15.32
N TRP B 316 -14.49 -1.15 15.06
CA TRP B 316 -15.46 -0.94 16.13
C TRP B 316 -15.88 -2.28 16.74
N TRP B 317 -15.99 -2.31 18.08
CA TRP B 317 -16.46 -3.50 18.79
C TRP B 317 -18.00 -3.51 18.84
N ASP B 318 -18.63 -4.42 18.11
CA ASP B 318 -20.11 -4.48 18.06
C ASP B 318 -20.57 -5.81 18.65
N ASN B 319 -21.05 -5.78 19.89
CA ASN B 319 -21.55 -6.97 20.55
C ASN B 319 -23.06 -7.09 20.49
N ASN B 320 -23.73 -6.26 19.69
CA ASN B 320 -25.19 -6.31 19.52
C ASN B 320 -25.92 -6.01 20.82
N TYR B 321 -25.29 -5.28 21.74
CA TYR B 321 -25.88 -4.96 23.04
C TYR B 321 -25.94 -3.44 23.17
N ALA B 322 -27.17 -2.89 23.24
CA ALA B 322 -27.36 -1.45 23.19
C ALA B 322 -28.32 -0.93 24.25
N GLU B 323 -28.57 -1.71 25.30
CA GLU B 323 -29.57 -1.35 26.30
C GLU B 323 -29.17 -0.09 27.05
N THR B 324 -30.16 0.75 27.33
CA THR B 324 -29.90 1.98 28.07
C THR B 324 -29.44 1.66 29.50
N ASN B 325 -28.54 2.51 30.00
CA ASN B 325 -28.10 2.47 31.40
CA ASN B 325 -28.08 2.46 31.39
C ASN B 325 -27.40 1.15 31.75
N LYS B 326 -26.64 0.60 30.80
CA LYS B 326 -25.89 -0.62 31.04
C LYS B 326 -24.45 -0.46 30.56
N GLY B 327 -23.54 -1.17 31.21
CA GLY B 327 -22.17 -1.19 30.77
C GLY B 327 -21.99 -2.03 29.52
N GLU B 328 -20.90 -1.75 28.80
CA GLU B 328 -20.48 -2.55 27.65
C GLU B 328 -21.51 -2.55 26.53
N THR B 329 -22.28 -1.48 26.41
CA THR B 329 -23.34 -1.38 25.40
C THR B 329 -22.79 -0.71 24.14
N PHE B 330 -21.99 -1.50 23.41
CA PHE B 330 -21.31 -1.05 22.20
C PHE B 330 -22.10 -1.33 20.92
N GLY B 331 -23.31 -1.88 21.03
CA GLY B 331 -24.02 -2.35 19.84
C GLY B 331 -24.37 -1.23 18.87
N LEU B 332 -24.18 -1.52 17.58
CA LEU B 332 -24.59 -0.61 16.51
C LEU B 332 -25.58 -1.22 15.53
N LEU B 333 -25.34 -2.45 15.09
CA LEU B 333 -26.26 -3.17 14.20
C LEU B 333 -27.17 -4.04 15.04
N ASN B 334 -28.47 -3.84 14.92
CA ASN B 334 -29.44 -4.74 15.53
C ASN B 334 -29.52 -6.00 14.66
N ARG B 335 -28.97 -7.10 15.15
CA ARG B 335 -28.86 -8.30 14.33
C ARG B 335 -30.18 -9.03 14.16
N SER B 336 -31.20 -8.68 14.95
CA SER B 336 -32.52 -9.29 14.77
C SER B 336 -33.34 -8.59 13.72
N THR B 337 -33.17 -7.28 13.53
CA THR B 337 -33.97 -6.53 12.57
C THR B 337 -33.18 -6.06 11.37
N LEU B 338 -31.85 -6.02 11.48
CA LEU B 338 -30.94 -5.47 10.48
C LEU B 338 -31.10 -3.96 10.31
N ASN B 339 -31.74 -3.30 11.25
CA ASN B 339 -31.68 -1.86 11.41
C ASN B 339 -30.54 -1.53 12.35
N TRP B 340 -30.15 -0.25 12.39
CA TRP B 340 -29.10 0.22 13.28
C TRP B 340 -29.70 0.68 14.60
N TYR B 341 -29.08 0.28 15.71
CA TYR B 341 -29.46 0.87 16.99
C TYR B 341 -29.22 2.37 16.98
N PHE B 342 -28.12 2.81 16.34
CA PHE B 342 -27.68 4.21 16.32
C PHE B 342 -27.14 4.51 14.92
N SER B 343 -28.05 4.81 13.99
CA SER B 343 -27.63 5.10 12.63
CA SER B 343 -27.64 5.12 12.63
C SER B 343 -26.69 6.31 12.59
N ASP B 344 -26.85 7.27 13.51
CA ASP B 344 -25.99 8.44 13.51
C ASP B 344 -24.54 8.06 13.79
N ILE B 345 -24.32 7.06 14.63
CA ILE B 345 -22.94 6.66 14.93
C ILE B 345 -22.34 5.89 13.76
N LYS B 346 -23.10 4.97 13.18
CA LYS B 346 -22.66 4.30 11.97
C LYS B 346 -22.32 5.32 10.89
N ASP B 347 -23.20 6.30 10.67
CA ASP B 347 -22.94 7.31 9.64
C ASP B 347 -21.66 8.07 9.93
N ALA B 348 -21.41 8.39 11.21
CA ALA B 348 -20.20 9.11 11.60
C ALA B 348 -18.94 8.30 11.33
N LEU B 349 -18.96 7.00 11.61
CA LEU B 349 -17.80 6.16 11.33
C LEU B 349 -17.46 6.19 9.85
N ILE B 350 -18.48 6.04 9.00
CA ILE B 350 -18.25 6.02 7.55
C ILE B 350 -17.82 7.40 7.06
N ARG B 351 -18.43 8.47 7.61
CA ARG B 351 -18.00 9.83 7.26
CA ARG B 351 -18.00 9.83 7.27
C ARG B 351 -16.52 10.02 7.58
N GLY B 352 -16.06 9.48 8.72
CA GLY B 352 -14.66 9.65 9.07
C GLY B 352 -13.75 8.96 8.08
N TYR B 353 -14.14 7.78 7.60
CA TYR B 353 -13.36 7.10 6.59
C TYR B 353 -13.34 7.92 5.29
N LYS B 354 -14.51 8.40 4.86
CA LYS B 354 -14.61 9.16 3.62
C LYS B 354 -14.01 10.55 3.72
N ASN B 355 -13.80 11.07 4.94
CA ASN B 355 -13.03 12.31 5.07
C ASN B 355 -11.60 12.15 4.57
N VAL B 356 -11.09 10.92 4.52
CA VAL B 356 -9.70 10.64 4.17
C VAL B 356 -9.58 9.94 2.84
N HIS B 357 -10.49 9.01 2.54
CA HIS B 357 -10.39 8.20 1.34
C HIS B 357 -11.58 8.49 0.43
#